data_3S2W
#
_entry.id   3S2W
#
_cell.length_a   42.943
_cell.length_b   300.077
_cell.length_c   55.711
_cell.angle_alpha   90.00
_cell.angle_beta   111.13
_cell.angle_gamma   90.00
#
_symmetry.space_group_name_H-M   'P 1 21 1'
#
loop_
_entity.id
_entity.type
_entity.pdbx_description
1 polymer 'Transcriptional regulator, MarR family'
2 non-polymer 'SULFATE ION'
3 water water
#
_entity_poly.entity_id   1
_entity_poly.type   'polypeptide(L)'
_entity_poly.pdbx_seq_one_letter_code
;SNA(MSE)NTTEFDGISHAEGLCDKEFIGKAISYLYRYGQIYIGKKIEPYGIGSGQFPFL(MSE)RLYREDGINQESLSD
YLKIDKGTTARAIQKLVDEGYVFRQRDEKDRRSYRVFLTEKGKKLEPD(MSE)KKIASEWGEILFSSFDDRQRREITNSL
EI(MSE)FENGLKI(MSE)
;
_entity_poly.pdbx_strand_id   A,B,C,D,E,F,G,H
#
loop_
_chem_comp.id
_chem_comp.type
_chem_comp.name
_chem_comp.formula
SO4 non-polymer 'SULFATE ION' 'O4 S -2'
#
# COMPACT_ATOMS: atom_id res chain seq x y z
N GLY A 11 -15.61 3.71 24.24
CA GLY A 11 -14.16 3.80 24.32
C GLY A 11 -13.67 3.49 25.72
N ILE A 12 -14.20 4.19 26.70
CA ILE A 12 -14.03 3.80 28.09
C ILE A 12 -14.94 2.61 28.37
N SER A 13 -16.07 2.57 27.67
CA SER A 13 -17.04 1.48 27.80
C SER A 13 -16.45 0.13 27.36
N HIS A 14 -15.71 0.15 26.26
CA HIS A 14 -15.07 -1.06 25.74
C HIS A 14 -13.82 -1.49 26.55
N ALA A 15 -13.03 -0.53 27.01
CA ALA A 15 -11.87 -0.84 27.86
C ALA A 15 -12.32 -1.36 29.23
N GLU A 16 -13.47 -0.89 29.67
CA GLU A 16 -14.10 -1.29 30.93
C GLU A 16 -14.80 -2.64 30.77
N GLY A 17 -14.88 -3.12 29.53
CA GLY A 17 -15.44 -4.43 29.26
C GLY A 17 -16.82 -4.39 28.65
N LEU A 18 -17.62 -3.40 29.01
CA LEU A 18 -18.97 -3.31 28.47
C LEU A 18 -18.93 -3.36 26.94
N CYS A 19 -19.98 -3.90 26.34
CA CYS A 19 -19.98 -4.02 24.88
C CYS A 19 -21.36 -3.79 24.29
N ASP A 20 -21.36 -3.37 23.02
CA ASP A 20 -22.57 -3.35 22.21
C ASP A 20 -22.93 -4.82 21.90
N LYS A 21 -23.91 -5.37 22.60
CA LYS A 21 -24.31 -6.76 22.41
C LYS A 21 -24.93 -6.96 21.03
N GLU A 22 -25.21 -5.85 20.34
CA GLU A 22 -25.66 -5.91 18.96
C GLU A 22 -24.51 -5.93 17.96
N PHE A 23 -23.31 -5.62 18.42
CA PHE A 23 -22.21 -5.35 17.50
C PHE A 23 -21.78 -6.58 16.67
N ILE A 24 -21.78 -7.73 17.30
CA ILE A 24 -21.45 -8.99 16.65
C ILE A 24 -22.29 -9.14 15.37
N GLY A 25 -23.61 -9.17 15.55
CA GLY A 25 -24.53 -9.32 14.44
C GLY A 25 -24.41 -8.22 13.41
N LYS A 26 -24.23 -6.99 13.86
CA LYS A 26 -24.04 -5.86 12.96
C LYS A 26 -22.75 -6.02 12.12
N ALA A 27 -21.64 -6.30 12.80
CA ALA A 27 -20.36 -6.44 12.10
C ALA A 27 -20.47 -7.51 11.00
N ILE A 28 -21.12 -8.62 11.35
CA ILE A 28 -21.27 -9.76 10.45
C ILE A 28 -22.13 -9.43 9.23
N SER A 29 -23.31 -8.85 9.44
CA SER A 29 -24.15 -8.37 8.35
C SER A 29 -23.41 -7.43 7.39
N TYR A 30 -22.59 -6.54 7.92
CA TYR A 30 -21.84 -5.62 7.07
C TYR A 30 -20.73 -6.30 6.28
N LEU A 31 -19.97 -7.17 6.94
CA LEU A 31 -18.88 -7.83 6.26
C LEU A 31 -19.45 -8.68 5.14
N TYR A 32 -20.55 -9.36 5.44
CA TYR A 32 -21.28 -10.08 4.42
C TYR A 32 -21.62 -9.22 3.21
N ARG A 33 -22.20 -8.05 3.45
CA ARG A 33 -22.65 -7.21 2.34
C ARG A 33 -21.49 -6.62 1.57
N TYR A 34 -20.46 -6.19 2.30
CA TYR A 34 -19.25 -5.70 1.65
C TYR A 34 -18.68 -6.81 0.80
N GLY A 35 -18.61 -7.99 1.41
CA GLY A 35 -18.14 -9.17 0.72
C GLY A 35 -18.86 -9.37 -0.59
N GLN A 36 -20.19 -9.19 -0.59
CA GLN A 36 -20.99 -9.51 -1.77
C GLN A 36 -20.72 -8.48 -2.85
N ILE A 37 -20.38 -7.28 -2.43
CA ILE A 37 -20.00 -6.26 -3.39
C ILE A 37 -18.61 -6.55 -3.98
N TYR A 38 -17.66 -6.82 -3.10
CA TYR A 38 -16.28 -7.06 -3.52
C TYR A 38 -16.18 -8.31 -4.39
N ILE A 39 -16.81 -9.40 -3.96
CA ILE A 39 -16.84 -10.61 -4.74
C ILE A 39 -17.58 -10.34 -6.04
N GLY A 40 -18.72 -9.69 -5.94
CA GLY A 40 -19.55 -9.38 -7.09
C GLY A 40 -18.81 -8.76 -8.23
N LYS A 41 -17.93 -7.80 -7.94
CA LYS A 41 -17.24 -7.14 -9.03
C LYS A 41 -16.22 -8.06 -9.67
N LYS A 42 -15.60 -8.88 -8.83
CA LYS A 42 -14.56 -9.77 -9.32
C LYS A 42 -15.16 -10.91 -10.11
N ILE A 43 -16.40 -11.30 -9.87
CA ILE A 43 -16.94 -12.40 -10.67
C ILE A 43 -17.78 -12.01 -11.90
N GLU A 44 -18.19 -10.75 -12.00
CA GLU A 44 -18.87 -10.23 -13.19
C GLU A 44 -18.24 -10.74 -14.49
N PRO A 45 -16.90 -10.66 -14.61
CA PRO A 45 -16.30 -11.02 -15.90
C PRO A 45 -16.61 -12.45 -16.33
N TYR A 46 -17.02 -13.30 -15.39
CA TYR A 46 -17.44 -14.67 -15.71
C TYR A 46 -18.95 -14.73 -15.90
N GLY A 47 -19.61 -13.58 -15.89
CA GLY A 47 -21.04 -13.52 -16.03
C GLY A 47 -21.78 -14.20 -14.89
N ILE A 48 -21.27 -14.01 -13.67
CA ILE A 48 -21.82 -14.70 -12.48
C ILE A 48 -22.19 -13.66 -11.43
N GLY A 49 -23.41 -13.74 -10.91
CA GLY A 49 -23.82 -12.89 -9.82
C GLY A 49 -23.33 -13.43 -8.48
N SER A 50 -23.19 -12.53 -7.52
CA SER A 50 -22.77 -12.89 -6.16
C SER A 50 -23.79 -13.76 -5.43
N GLY A 51 -24.99 -13.87 -5.99
CA GLY A 51 -25.97 -14.82 -5.48
C GLY A 51 -25.67 -16.28 -5.85
N GLN A 52 -24.90 -16.47 -6.92
CA GLN A 52 -24.54 -17.80 -7.40
C GLN A 52 -23.24 -18.31 -6.78
N PHE A 53 -22.43 -17.40 -6.27
CA PHE A 53 -21.11 -17.75 -5.79
C PHE A 53 -21.12 -18.84 -4.70
N PRO A 54 -22.04 -18.72 -3.72
CA PRO A 54 -22.09 -19.67 -2.61
C PRO A 54 -22.38 -21.10 -3.10
N PHE A 55 -23.34 -21.28 -4.02
CA PHE A 55 -23.58 -22.59 -4.69
C PHE A 55 -22.35 -23.10 -5.43
N LEU A 56 -21.81 -22.31 -6.33
CA LEU A 56 -20.59 -22.74 -7.00
C LEU A 56 -19.55 -23.24 -5.97
N MSE A 57 -19.29 -22.45 -4.92
CA MSE A 57 -18.27 -22.82 -3.94
C MSE A 57 -18.59 -24.14 -3.23
O MSE A 57 -17.69 -24.90 -2.90
CB MSE A 57 -18.05 -21.69 -2.90
CG MSE A 57 -17.39 -20.41 -3.46
SE MSE A 57 -15.64 -20.71 -4.33
CE MSE A 57 -14.51 -20.93 -2.76
N ARG A 58 -19.86 -24.38 -3.01
CA ARG A 58 -20.30 -25.64 -2.41
C ARG A 58 -20.08 -26.84 -3.32
N LEU A 59 -20.41 -26.71 -4.61
CA LEU A 59 -20.17 -27.79 -5.56
C LEU A 59 -18.69 -28.16 -5.64
N TYR A 60 -17.79 -27.19 -5.46
CA TYR A 60 -16.35 -27.49 -5.42
C TYR A 60 -15.97 -28.33 -4.21
N ARG A 61 -16.76 -28.25 -3.13
CA ARG A 61 -16.53 -29.16 -2.02
C ARG A 61 -17.21 -30.50 -2.28
N GLU A 62 -18.49 -30.46 -2.60
CA GLU A 62 -19.30 -31.66 -2.74
C GLU A 62 -20.08 -31.54 -4.03
N ASP A 63 -19.59 -32.17 -5.09
CA ASP A 63 -20.26 -32.13 -6.38
C ASP A 63 -21.32 -33.21 -6.51
N GLY A 64 -22.28 -33.01 -7.40
CA GLY A 64 -23.33 -33.99 -7.58
C GLY A 64 -24.28 -34.03 -6.40
N ILE A 65 -24.53 -32.88 -5.78
CA ILE A 65 -25.40 -32.83 -4.63
C ILE A 65 -26.84 -32.49 -5.05
N ASN A 66 -27.81 -33.02 -4.32
CA ASN A 66 -29.21 -32.76 -4.61
C ASN A 66 -29.56 -31.29 -4.37
N GLN A 67 -30.31 -30.70 -5.28
CA GLN A 67 -30.61 -29.27 -5.22
C GLN A 67 -31.32 -28.87 -3.93
N GLU A 68 -32.14 -29.76 -3.39
CA GLU A 68 -32.76 -29.47 -2.12
C GLU A 68 -31.70 -29.45 -1.01
N SER A 69 -30.78 -30.42 -1.02
CA SER A 69 -29.68 -30.42 -0.06
C SER A 69 -28.93 -29.09 -0.13
N LEU A 70 -28.61 -28.62 -1.34
CA LEU A 70 -27.91 -27.34 -1.47
C LEU A 70 -28.69 -26.26 -0.75
N SER A 71 -30.00 -26.27 -0.94
CA SER A 71 -30.88 -25.31 -0.29
C SER A 71 -30.79 -25.37 1.25
N ASP A 72 -30.91 -26.57 1.82
CA ASP A 72 -30.89 -26.75 3.27
C ASP A 72 -29.54 -26.44 3.92
N TYR A 73 -28.45 -26.84 3.27
CA TYR A 73 -27.10 -26.60 3.80
C TYR A 73 -26.80 -25.11 3.80
N LEU A 74 -27.07 -24.43 2.69
CA LEU A 74 -26.67 -23.04 2.56
C LEU A 74 -27.69 -22.19 3.29
N LYS A 75 -28.81 -22.82 3.62
CA LYS A 75 -29.95 -22.12 4.19
C LYS A 75 -30.31 -20.95 3.31
N ILE A 76 -30.42 -21.21 2.01
CA ILE A 76 -31.00 -20.27 1.05
C ILE A 76 -32.28 -20.91 0.53
N ASP A 77 -33.36 -20.11 0.42
CA ASP A 77 -34.69 -20.69 0.12
C ASP A 77 -34.78 -21.34 -1.26
N LYS A 78 -35.78 -22.21 -1.42
CA LYS A 78 -35.94 -23.02 -2.62
C LYS A 78 -36.06 -22.18 -3.88
N GLY A 79 -36.75 -21.06 -3.78
CA GLY A 79 -37.01 -20.20 -4.92
C GLY A 79 -35.80 -19.38 -5.30
N THR A 80 -35.04 -18.94 -4.30
CA THR A 80 -33.77 -18.27 -4.54
C THR A 80 -32.77 -19.29 -5.11
N THR A 81 -32.72 -20.47 -4.50
CA THR A 81 -31.90 -21.57 -5.00
C THR A 81 -32.19 -21.89 -6.46
N ALA A 82 -33.46 -22.02 -6.82
CA ALA A 82 -33.85 -22.37 -8.17
C ALA A 82 -33.34 -21.36 -9.21
N ARG A 83 -33.49 -20.07 -8.90
CA ARG A 83 -32.98 -19.01 -9.76
C ARG A 83 -31.46 -18.97 -9.87
N ALA A 84 -30.79 -19.17 -8.73
CA ALA A 84 -29.35 -19.23 -8.74
C ALA A 84 -28.89 -20.39 -9.63
N ILE A 85 -29.37 -21.61 -9.34
CA ILE A 85 -28.93 -22.77 -10.10
C ILE A 85 -29.30 -22.63 -11.57
N GLN A 86 -30.46 -22.04 -11.83
CA GLN A 86 -30.82 -21.82 -13.22
C GLN A 86 -29.85 -20.89 -13.98
N LYS A 87 -29.29 -19.87 -13.31
CA LYS A 87 -28.42 -18.95 -14.03
C LYS A 87 -27.06 -19.62 -14.23
N LEU A 88 -26.69 -20.45 -13.26
CA LEU A 88 -25.46 -21.21 -13.33
C LEU A 88 -25.56 -22.20 -14.50
N VAL A 89 -26.75 -22.74 -14.73
CA VAL A 89 -26.96 -23.65 -15.85
C VAL A 89 -26.91 -22.89 -17.17
N ASP A 90 -27.57 -21.74 -17.22
CA ASP A 90 -27.62 -20.95 -18.46
C ASP A 90 -26.26 -20.36 -18.84
N GLU A 91 -25.42 -20.17 -17.84
CA GLU A 91 -24.07 -19.69 -18.08
C GLU A 91 -23.14 -20.85 -18.44
N GLY A 92 -23.65 -22.07 -18.27
CA GLY A 92 -22.92 -23.28 -18.66
C GLY A 92 -21.91 -23.76 -17.64
N TYR A 93 -22.14 -23.46 -16.36
CA TYR A 93 -21.23 -23.85 -15.30
C TYR A 93 -21.68 -25.08 -14.56
N VAL A 94 -22.96 -25.40 -14.65
CA VAL A 94 -23.45 -26.61 -14.00
C VAL A 94 -24.53 -27.22 -14.80
N PHE A 95 -24.78 -28.50 -14.57
CA PHE A 95 -25.93 -29.15 -15.18
C PHE A 95 -26.68 -29.91 -14.11
N ARG A 96 -27.93 -30.20 -14.43
CA ARG A 96 -28.86 -30.90 -13.54
C ARG A 96 -29.07 -32.32 -14.04
N GLN A 97 -29.26 -33.25 -13.13
CA GLN A 97 -29.59 -34.61 -13.52
C GLN A 97 -30.61 -35.15 -12.57
N ARG A 98 -31.76 -35.56 -13.11
CA ARG A 98 -32.79 -36.25 -12.34
C ARG A 98 -32.30 -37.63 -11.95
N ASP A 99 -32.42 -38.00 -10.69
CA ASP A 99 -32.01 -39.35 -10.28
C ASP A 99 -33.11 -40.15 -9.57
N GLU A 100 -33.34 -41.37 -10.05
CA GLU A 100 -34.31 -42.31 -9.47
C GLU A 100 -34.00 -42.64 -8.00
N ARG A 104 -38.44 -36.66 -10.09
CA ARG A 104 -38.70 -36.04 -8.78
C ARG A 104 -37.95 -34.71 -8.60
N SER A 105 -36.81 -34.79 -7.91
CA SER A 105 -35.96 -33.64 -7.63
C SER A 105 -34.71 -33.74 -8.52
N TYR A 106 -33.72 -32.87 -8.33
CA TYR A 106 -32.56 -32.89 -9.20
C TYR A 106 -31.21 -32.92 -8.48
N ARG A 107 -30.21 -33.54 -9.10
CA ARG A 107 -28.83 -33.45 -8.63
C ARG A 107 -28.02 -32.49 -9.49
N VAL A 108 -27.20 -31.65 -8.86
CA VAL A 108 -26.45 -30.67 -9.65
C VAL A 108 -24.97 -30.98 -9.67
N PHE A 109 -24.39 -30.83 -10.85
CA PHE A 109 -23.01 -31.21 -11.10
C PHE A 109 -22.30 -30.06 -11.79
N LEU A 110 -21.00 -29.91 -11.53
CA LEU A 110 -20.18 -28.96 -12.29
C LEU A 110 -19.94 -29.48 -13.70
N THR A 111 -20.02 -28.60 -14.69
CA THR A 111 -19.56 -28.92 -16.03
C THR A 111 -18.04 -28.71 -16.11
N GLU A 112 -17.43 -29.02 -17.25
CA GLU A 112 -16.00 -28.77 -17.38
C GLU A 112 -15.70 -27.28 -17.25
N LYS A 113 -16.45 -26.45 -17.97
CA LYS A 113 -16.37 -25.00 -17.80
C LYS A 113 -16.40 -24.60 -16.31
N GLY A 114 -17.34 -25.14 -15.54
CA GLY A 114 -17.37 -24.87 -14.11
C GLY A 114 -16.16 -25.41 -13.33
N LYS A 115 -15.62 -26.55 -13.75
CA LYS A 115 -14.49 -27.10 -12.99
C LYS A 115 -13.26 -26.24 -13.22
N LYS A 116 -13.06 -25.82 -14.47
CA LYS A 116 -11.92 -24.97 -14.79
C LYS A 116 -12.00 -23.57 -14.17
N LEU A 117 -13.15 -23.22 -13.61
CA LEU A 117 -13.31 -21.89 -13.02
C LEU A 117 -12.74 -21.82 -11.62
N GLU A 118 -12.60 -22.99 -10.99
CA GLU A 118 -12.30 -23.11 -9.56
C GLU A 118 -11.07 -22.36 -9.03
N PRO A 119 -9.92 -22.44 -9.73
CA PRO A 119 -8.75 -21.69 -9.30
C PRO A 119 -9.04 -20.19 -9.22
N ASP A 120 -9.85 -19.70 -10.14
CA ASP A 120 -10.21 -18.29 -10.18
C ASP A 120 -11.14 -17.91 -8.99
N MSE A 121 -12.15 -18.73 -8.74
CA MSE A 121 -13.07 -18.51 -7.63
C MSE A 121 -12.33 -18.57 -6.29
O MSE A 121 -12.47 -17.69 -5.44
CB MSE A 121 -14.16 -19.56 -7.66
CG MSE A 121 -14.97 -19.57 -8.94
SE MSE A 121 -15.89 -17.88 -9.28
CE MSE A 121 -14.56 -17.01 -10.40
N LYS A 122 -11.54 -19.62 -6.08
CA LYS A 122 -10.87 -19.74 -4.80
C LYS A 122 -9.89 -18.59 -4.55
N LYS A 123 -9.32 -18.08 -5.65
CA LYS A 123 -8.37 -16.95 -5.57
C LYS A 123 -9.06 -15.64 -5.22
N ILE A 124 -10.24 -15.42 -5.81
CA ILE A 124 -11.08 -14.28 -5.49
C ILE A 124 -11.49 -14.29 -4.02
N ALA A 125 -11.86 -15.46 -3.50
CA ALA A 125 -12.21 -15.62 -2.08
C ALA A 125 -10.99 -15.31 -1.20
N SER A 126 -9.81 -15.60 -1.71
CA SER A 126 -8.60 -15.38 -0.93
C SER A 126 -8.32 -13.91 -0.83
N GLU A 127 -8.48 -13.19 -1.93
CA GLU A 127 -8.11 -11.78 -1.96
C GLU A 127 -9.01 -11.04 -1.01
N TRP A 128 -10.24 -11.55 -0.90
CA TRP A 128 -11.17 -10.96 0.02
C TRP A 128 -10.76 -11.20 1.48
N GLY A 129 -10.41 -12.45 1.82
CA GLY A 129 -9.95 -12.77 3.15
C GLY A 129 -8.72 -11.96 3.51
N GLU A 130 -7.90 -11.73 2.49
CA GLU A 130 -6.64 -11.04 2.62
C GLU A 130 -6.85 -9.59 2.99
N ILE A 131 -7.84 -9.00 2.33
CA ILE A 131 -8.28 -7.70 2.69
C ILE A 131 -8.79 -7.73 4.13
N LEU A 132 -9.52 -8.76 4.53
CA LEU A 132 -10.08 -8.72 5.87
C LEU A 132 -9.02 -8.86 6.97
N PHE A 133 -7.95 -9.62 6.67
CA PHE A 133 -6.94 -9.96 7.67
C PHE A 133 -5.81 -8.96 7.78
N SER A 134 -5.80 -7.95 6.91
CA SER A 134 -4.77 -6.93 6.96
C SER A 134 -4.50 -6.49 8.41
N SER A 135 -3.24 -6.62 8.81
CA SER A 135 -2.73 -6.25 10.13
C SER A 135 -2.72 -7.41 11.11
N PHE A 136 -3.33 -8.54 10.74
CA PHE A 136 -3.25 -9.76 11.55
C PHE A 136 -2.08 -10.66 11.16
N ASP A 137 -1.35 -11.17 12.16
CA ASP A 137 -0.32 -12.17 11.87
C ASP A 137 -0.92 -13.57 11.89
N ASP A 138 -0.10 -14.58 11.67
CA ASP A 138 -0.59 -15.94 11.54
C ASP A 138 -1.34 -16.45 12.77
N ARG A 139 -0.76 -16.31 13.96
CA ARG A 139 -1.46 -16.73 15.15
C ARG A 139 -2.83 -16.08 15.20
N GLN A 140 -2.89 -14.80 14.84
CA GLN A 140 -4.12 -14.04 15.00
C GLN A 140 -5.17 -14.43 13.96
N ARG A 141 -4.75 -14.60 12.72
CA ARG A 141 -5.64 -15.12 11.70
C ARG A 141 -6.19 -16.47 12.14
N ARG A 142 -5.35 -17.23 12.83
CA ARG A 142 -5.72 -18.60 13.14
C ARG A 142 -6.81 -18.65 14.20
N GLU A 143 -6.70 -17.84 15.24
CA GLU A 143 -7.65 -17.97 16.33
C GLU A 143 -8.98 -17.24 16.07
N ILE A 144 -8.96 -16.29 15.14
CA ILE A 144 -10.20 -15.64 14.72
C ILE A 144 -10.97 -16.56 13.78
N THR A 145 -10.26 -17.34 12.97
CA THR A 145 -10.92 -18.32 12.11
C THR A 145 -11.46 -19.43 12.99
N ASN A 146 -10.66 -19.83 13.97
CA ASN A 146 -11.13 -20.77 14.94
C ASN A 146 -12.38 -20.28 15.71
N SER A 147 -12.43 -19.00 16.06
CA SER A 147 -13.56 -18.49 16.86
C SER A 147 -14.80 -18.39 15.98
N LEU A 148 -14.61 -18.01 14.72
CA LEU A 148 -15.71 -18.01 13.77
C LEU A 148 -16.30 -19.40 13.51
N GLU A 149 -15.47 -20.43 13.58
CA GLU A 149 -15.93 -21.81 13.43
C GLU A 149 -16.83 -22.19 14.61
N ILE A 150 -16.41 -21.83 15.82
CA ILE A 150 -17.21 -22.18 16.98
C ILE A 150 -18.51 -21.38 16.99
N MSE A 151 -18.42 -20.11 16.62
CA MSE A 151 -19.58 -19.26 16.66
C MSE A 151 -20.64 -19.85 15.79
O MSE A 151 -21.81 -19.84 16.14
CB MSE A 151 -19.25 -17.84 16.20
CG MSE A 151 -18.53 -17.07 17.27
SE MSE A 151 -17.87 -15.41 16.60
CE MSE A 151 -19.52 -14.64 15.93
N PHE A 152 -20.22 -20.41 14.65
CA PHE A 152 -21.17 -21.01 13.75
C PHE A 152 -21.81 -22.27 14.32
N GLU A 153 -21.01 -23.13 14.94
CA GLU A 153 -21.55 -24.35 15.56
C GLU A 153 -22.51 -23.98 16.70
N ASN A 154 -22.30 -22.80 17.28
CA ASN A 154 -23.19 -22.35 18.33
C ASN A 154 -24.56 -22.00 17.75
N GLY A 155 -24.56 -21.38 16.59
CA GLY A 155 -25.80 -21.13 15.88
C GLY A 155 -26.39 -22.44 15.44
N LEU A 156 -25.60 -23.21 14.70
CA LEU A 156 -26.05 -24.46 14.11
C LEU A 156 -26.77 -25.38 15.09
N LYS A 157 -26.33 -25.37 16.35
CA LYS A 157 -26.96 -26.19 17.37
C LYS A 157 -28.44 -25.89 17.46
N ILE A 158 -28.77 -24.62 17.61
CA ILE A 158 -30.15 -24.22 17.89
C ILE A 158 -30.96 -23.80 16.65
N MSE A 159 -30.48 -24.16 15.46
CA MSE A 159 -31.11 -23.74 14.21
C MSE A 159 -32.25 -24.64 13.76
O MSE A 159 -33.29 -24.15 13.29
CB MSE A 159 -30.07 -23.61 13.11
CG MSE A 159 -29.25 -22.32 13.25
SE MSE A 159 -30.33 -20.74 12.84
CE MSE A 159 -30.70 -21.28 11.01
N LEU B 18 -8.73 -26.45 3.48
CA LEU B 18 -9.34 -25.15 3.23
C LEU B 18 -8.60 -23.97 3.91
N CYS B 19 -8.12 -23.06 3.08
CA CYS B 19 -7.31 -21.89 3.45
C CYS B 19 -8.03 -20.94 4.44
N ASP B 20 -7.29 -20.31 5.36
CA ASP B 20 -7.90 -19.31 6.25
C ASP B 20 -8.49 -18.09 5.54
N LYS B 21 -7.78 -17.56 4.56
CA LYS B 21 -8.26 -16.40 3.83
C LYS B 21 -9.59 -16.74 3.13
N GLU B 22 -9.66 -17.95 2.57
CA GLU B 22 -10.85 -18.36 1.82
C GLU B 22 -12.00 -18.65 2.74
N PHE B 23 -11.70 -19.24 3.87
CA PHE B 23 -12.75 -19.72 4.75
C PHE B 23 -13.39 -18.60 5.57
N ILE B 24 -12.71 -17.47 5.72
CA ILE B 24 -13.27 -16.41 6.52
C ILE B 24 -14.51 -15.80 5.82
N GLY B 25 -14.45 -15.66 4.49
CA GLY B 25 -15.65 -15.34 3.74
C GLY B 25 -16.85 -16.27 3.96
N LYS B 26 -16.60 -17.56 3.84
CA LYS B 26 -17.62 -18.58 4.02
C LYS B 26 -18.19 -18.56 5.45
N ALA B 27 -17.32 -18.46 6.45
CA ALA B 27 -17.80 -18.40 7.85
C ALA B 27 -18.74 -17.21 8.05
N ILE B 28 -18.33 -16.04 7.55
CA ILE B 28 -19.17 -14.84 7.65
C ILE B 28 -20.51 -14.95 6.94
N SER B 29 -20.50 -15.51 5.73
CA SER B 29 -21.72 -15.80 4.96
C SER B 29 -22.69 -16.74 5.66
N TYR B 30 -22.18 -17.84 6.20
CA TYR B 30 -23.02 -18.75 6.95
C TYR B 30 -23.62 -18.10 8.22
N LEU B 31 -22.78 -17.46 9.05
CA LEU B 31 -23.29 -16.70 10.19
C LEU B 31 -24.37 -15.69 9.79
N TYR B 32 -24.17 -15.01 8.67
CA TYR B 32 -25.15 -14.04 8.22
C TYR B 32 -26.49 -14.73 7.94
N ARG B 33 -26.44 -15.75 7.10
CA ARG B 33 -27.67 -16.43 6.69
C ARG B 33 -28.34 -17.12 7.87
N TYR B 34 -27.55 -17.60 8.80
CA TYR B 34 -28.14 -18.21 9.99
C TYR B 34 -28.81 -17.15 10.87
N GLY B 35 -28.17 -15.98 10.98
CA GLY B 35 -28.75 -14.82 11.62
C GLY B 35 -30.09 -14.36 11.06
N GLN B 36 -30.20 -14.29 9.73
CA GLN B 36 -31.47 -13.85 9.13
C GLN B 36 -32.62 -14.82 9.42
N ILE B 37 -32.34 -16.11 9.32
CA ILE B 37 -33.34 -17.13 9.63
C ILE B 37 -33.79 -17.01 11.08
N TYR B 38 -32.82 -16.88 11.99
CA TYR B 38 -33.08 -16.64 13.39
C TYR B 38 -33.86 -15.34 13.69
N ILE B 39 -33.29 -14.19 13.35
CA ILE B 39 -33.99 -12.92 13.48
C ILE B 39 -35.36 -13.08 12.83
N GLY B 40 -35.37 -13.66 11.62
CA GLY B 40 -36.59 -13.82 10.85
C GLY B 40 -37.71 -14.48 11.64
N LYS B 41 -37.40 -15.53 12.37
CA LYS B 41 -38.41 -16.21 13.14
C LYS B 41 -38.88 -15.43 14.36
N LYS B 42 -37.95 -14.77 15.05
CA LYS B 42 -38.27 -13.95 16.24
C LYS B 42 -39.15 -12.73 15.93
N ILE B 43 -39.05 -12.18 14.72
CA ILE B 43 -39.80 -10.98 14.39
C ILE B 43 -41.04 -11.25 13.57
N GLU B 44 -41.36 -12.53 13.39
CA GLU B 44 -42.48 -12.93 12.57
C GLU B 44 -43.81 -12.51 13.20
N PRO B 45 -43.89 -12.55 14.53
CA PRO B 45 -45.13 -12.09 15.16
C PRO B 45 -45.44 -10.59 14.92
N TYR B 46 -44.46 -9.78 14.49
CA TYR B 46 -44.73 -8.38 14.15
C TYR B 46 -45.01 -8.20 12.66
N GLY B 47 -44.98 -9.29 11.90
CA GLY B 47 -45.29 -9.26 10.50
C GLY B 47 -44.14 -8.64 9.73
N ILE B 48 -42.93 -8.79 10.27
CA ILE B 48 -41.74 -8.21 9.67
C ILE B 48 -40.81 -9.26 9.08
N GLY B 49 -40.33 -9.01 7.88
CA GLY B 49 -39.37 -9.89 7.25
C GLY B 49 -37.93 -9.57 7.65
N SER B 50 -37.06 -10.56 7.53
CA SER B 50 -35.68 -10.41 8.00
C SER B 50 -34.95 -9.44 7.11
N GLY B 51 -35.45 -9.25 5.89
CA GLY B 51 -34.87 -8.28 4.97
C GLY B 51 -35.12 -6.82 5.34
N GLN B 52 -36.18 -6.56 6.11
CA GLN B 52 -36.53 -5.20 6.51
C GLN B 52 -35.87 -4.86 7.83
N PHE B 53 -35.44 -5.89 8.55
CA PHE B 53 -34.85 -5.72 9.87
C PHE B 53 -33.69 -4.73 9.91
N PRO B 54 -32.74 -4.83 8.96
CA PRO B 54 -31.57 -3.92 9.02
C PRO B 54 -31.95 -2.47 8.81
N PHE B 55 -32.96 -2.21 7.97
CA PHE B 55 -33.45 -0.85 7.72
C PHE B 55 -34.09 -0.27 8.97
N LEU B 56 -34.86 -1.10 9.66
CA LEU B 56 -35.44 -0.69 10.94
C LEU B 56 -34.32 -0.34 11.93
N MSE B 57 -33.29 -1.18 12.02
CA MSE B 57 -32.20 -0.91 12.97
C MSE B 57 -31.46 0.41 12.71
O MSE B 57 -31.26 1.20 13.63
CB MSE B 57 -31.21 -2.09 13.02
CG MSE B 57 -31.80 -3.38 13.64
SE MSE B 57 -32.36 -3.21 15.53
CE MSE B 57 -30.60 -2.81 16.29
N ARG B 58 -31.03 0.65 11.48
CA ARG B 58 -30.42 1.93 11.12
C ARG B 58 -31.32 3.14 11.46
N LEU B 59 -32.64 3.00 11.31
CA LEU B 59 -33.56 4.10 11.63
C LEU B 59 -33.60 4.39 13.12
N TYR B 60 -33.28 3.37 13.92
CA TYR B 60 -33.24 3.57 15.35
C TYR B 60 -32.08 4.46 15.71
N ARG B 61 -31.04 4.44 14.89
CA ARG B 61 -29.89 5.31 15.12
C ARG B 61 -30.11 6.69 14.52
N GLU B 62 -30.89 6.77 13.45
CA GLU B 62 -31.00 7.99 12.66
C GLU B 62 -32.36 8.11 11.94
N ASP B 63 -33.37 8.67 12.62
CA ASP B 63 -34.71 8.83 12.04
C ASP B 63 -34.75 9.91 10.96
N GLY B 64 -35.66 9.75 10.01
CA GLY B 64 -35.88 10.74 8.98
C GLY B 64 -34.69 10.91 8.07
N ILE B 65 -34.18 9.79 7.53
CA ILE B 65 -33.09 9.86 6.56
C ILE B 65 -33.56 9.65 5.15
N ASN B 66 -32.88 10.31 4.22
CA ASN B 66 -33.12 10.10 2.81
C ASN B 66 -33.03 8.61 2.51
N GLN B 67 -33.82 8.14 1.55
CA GLN B 67 -33.91 6.71 1.32
C GLN B 67 -32.63 6.19 0.69
N GLU B 68 -32.01 6.98 -0.16
CA GLU B 68 -30.80 6.49 -0.82
C GLU B 68 -29.65 6.45 0.18
N SER B 69 -29.69 7.32 1.19
CA SER B 69 -28.68 7.31 2.23
C SER B 69 -28.77 6.00 3.01
N LEU B 70 -29.98 5.50 3.26
CA LEU B 70 -30.13 4.17 3.86
C LEU B 70 -29.45 3.19 2.95
N SER B 71 -29.78 3.28 1.66
CA SER B 71 -29.24 2.36 0.70
C SER B 71 -27.72 2.39 0.69
N ASP B 72 -27.15 3.59 0.58
CA ASP B 72 -25.70 3.76 0.57
C ASP B 72 -25.04 3.18 1.82
N TYR B 73 -25.53 3.58 3.00
CA TYR B 73 -24.94 3.14 4.27
C TYR B 73 -24.98 1.61 4.49
N LEU B 74 -26.11 0.99 4.19
CA LEU B 74 -26.29 -0.43 4.43
C LEU B 74 -25.63 -1.18 3.30
N LYS B 75 -25.33 -0.47 2.22
CA LYS B 75 -24.81 -1.11 1.02
C LYS B 75 -25.73 -2.24 0.57
N ILE B 76 -27.04 -1.97 0.64
CA ILE B 76 -28.06 -2.79 -0.02
C ILE B 76 -28.58 -1.93 -1.18
N ASP B 77 -28.71 -2.51 -2.36
CA ASP B 77 -29.03 -1.71 -3.56
C ASP B 77 -30.46 -1.14 -3.54
N LYS B 78 -30.76 -0.30 -4.53
CA LYS B 78 -31.97 0.54 -4.54
C LYS B 78 -33.31 -0.20 -4.60
N GLY B 79 -33.38 -1.22 -5.44
CA GLY B 79 -34.58 -2.01 -5.55
C GLY B 79 -34.86 -2.75 -4.27
N THR B 80 -33.84 -3.42 -3.74
CA THR B 80 -34.00 -4.18 -2.50
C THR B 80 -34.49 -3.25 -1.38
N THR B 81 -33.89 -2.06 -1.33
CA THR B 81 -34.28 -1.02 -0.39
C THR B 81 -35.72 -0.57 -0.60
N ALA B 82 -36.08 -0.24 -1.84
CA ALA B 82 -37.44 0.21 -2.12
C ALA B 82 -38.47 -0.84 -1.66
N ARG B 83 -38.29 -2.09 -2.05
CA ARG B 83 -39.25 -3.10 -1.65
C ARG B 83 -39.38 -3.24 -0.12
N ALA B 84 -38.24 -3.23 0.58
CA ALA B 84 -38.22 -3.36 2.04
C ALA B 84 -38.92 -2.18 2.72
N ILE B 85 -38.54 -0.97 2.33
CA ILE B 85 -39.23 0.22 2.78
C ILE B 85 -40.74 0.14 2.49
N GLN B 86 -41.09 -0.31 1.29
CA GLN B 86 -42.50 -0.35 0.94
C GLN B 86 -43.25 -1.30 1.86
N LYS B 87 -42.57 -2.35 2.32
CA LYS B 87 -43.26 -3.32 3.17
C LYS B 87 -43.43 -2.76 4.57
N LEU B 88 -42.42 -2.05 5.04
CA LEU B 88 -42.45 -1.47 6.37
C LEU B 88 -43.50 -0.37 6.43
N VAL B 89 -43.82 0.21 5.28
CA VAL B 89 -44.86 1.22 5.23
C VAL B 89 -46.21 0.53 5.28
N ASP B 90 -46.36 -0.52 4.47
CA ASP B 90 -47.58 -1.32 4.48
C ASP B 90 -47.85 -1.90 5.86
N GLU B 91 -46.78 -2.32 6.53
CA GLU B 91 -46.87 -2.87 7.89
C GLU B 91 -47.13 -1.81 8.98
N GLY B 92 -47.09 -0.53 8.61
CA GLY B 92 -47.28 0.58 9.54
C GLY B 92 -46.11 0.99 10.45
N TYR B 93 -44.90 0.57 10.11
CA TYR B 93 -43.73 0.86 10.96
C TYR B 93 -42.95 2.14 10.57
N VAL B 94 -43.10 2.54 9.31
CA VAL B 94 -42.43 3.72 8.83
C VAL B 94 -43.40 4.46 7.92
N PHE B 95 -43.18 5.75 7.74
CA PHE B 95 -43.83 6.47 6.66
C PHE B 95 -42.76 7.23 5.87
N ARG B 96 -43.11 7.71 4.69
CA ARG B 96 -42.20 8.51 3.88
C ARG B 96 -42.71 9.95 3.76
N GLN B 97 -41.80 10.91 3.65
CA GLN B 97 -42.13 12.27 3.28
C GLN B 97 -41.21 12.73 2.13
N ARG B 98 -41.76 13.34 1.07
CA ARG B 98 -40.94 13.71 -0.11
C ARG B 98 -40.02 14.92 0.09
N ARG B 104 -36.34 11.15 -7.35
CA ARG B 104 -37.13 11.46 -6.16
C ARG B 104 -36.26 11.53 -4.89
N SER B 105 -36.85 12.04 -3.83
CA SER B 105 -36.15 12.21 -2.57
C SER B 105 -37.17 11.98 -1.48
N TYR B 106 -37.09 10.83 -0.85
CA TYR B 106 -37.95 10.55 0.28
C TYR B 106 -37.10 10.40 1.52
N ARG B 107 -37.53 11.01 2.61
CA ARG B 107 -36.99 10.65 3.90
C ARG B 107 -37.91 9.61 4.53
N VAL B 108 -37.34 8.68 5.28
CA VAL B 108 -38.11 7.61 5.90
C VAL B 108 -38.13 7.85 7.38
N PHE B 109 -39.31 7.86 7.99
CA PHE B 109 -39.41 8.04 9.43
C PHE B 109 -40.13 6.89 10.08
N LEU B 110 -39.79 6.63 11.33
CA LEU B 110 -40.57 5.72 12.14
C LEU B 110 -41.93 6.28 12.53
N THR B 111 -42.94 5.44 12.40
CA THR B 111 -44.22 5.72 13.02
C THR B 111 -44.08 5.41 14.51
N GLU B 112 -45.11 5.74 15.27
CA GLU B 112 -45.09 5.47 16.70
C GLU B 112 -45.00 3.98 16.97
N LYS B 113 -45.66 3.21 16.11
CA LYS B 113 -45.71 1.77 16.24
C LYS B 113 -44.32 1.20 15.92
N GLY B 114 -43.65 1.82 14.96
CA GLY B 114 -42.27 1.48 14.71
C GLY B 114 -41.39 1.81 15.91
N LYS B 115 -41.54 3.02 16.47
CA LYS B 115 -40.75 3.44 17.63
C LYS B 115 -40.93 2.50 18.82
N LYS B 116 -42.14 2.00 19.02
CA LYS B 116 -42.41 1.14 20.15
C LYS B 116 -41.66 -0.19 20.07
N LEU B 117 -41.42 -0.68 18.84
CA LEU B 117 -40.79 -1.97 18.66
C LEU B 117 -39.32 -2.00 19.05
N GLU B 118 -38.72 -0.83 19.21
CA GLU B 118 -37.26 -0.77 19.35
C GLU B 118 -36.70 -1.64 20.46
N PRO B 119 -37.23 -1.52 21.69
CA PRO B 119 -36.67 -2.37 22.74
C PRO B 119 -36.69 -3.85 22.34
N ASP B 120 -37.78 -4.31 21.71
CA ASP B 120 -37.89 -5.71 21.32
C ASP B 120 -36.88 -6.06 20.22
N MSE B 121 -36.75 -5.19 19.21
CA MSE B 121 -35.81 -5.41 18.13
C MSE B 121 -34.39 -5.54 18.70
O MSE B 121 -33.67 -6.46 18.35
CB MSE B 121 -35.87 -4.30 17.07
CG MSE B 121 -37.23 -4.16 16.35
SE MSE B 121 -37.95 -5.83 15.51
CE MSE B 121 -39.00 -6.49 17.02
N LYS B 122 -34.01 -4.63 19.59
CA LYS B 122 -32.66 -4.67 20.17
C LYS B 122 -32.43 -5.90 21.06
N LYS B 123 -33.46 -6.34 21.76
CA LYS B 123 -33.35 -7.56 22.57
C LYS B 123 -33.09 -8.76 21.67
N ILE B 124 -33.86 -8.85 20.59
CA ILE B 124 -33.75 -9.95 19.67
C ILE B 124 -32.40 -10.00 18.99
N ALA B 125 -31.88 -8.85 18.57
CA ALA B 125 -30.53 -8.80 18.02
C ALA B 125 -29.50 -9.21 19.07
N SER B 126 -29.69 -8.77 20.31
CA SER B 126 -28.68 -9.05 21.30
C SER B 126 -28.78 -10.52 21.71
N GLU B 127 -29.95 -11.11 21.54
CA GLU B 127 -30.13 -12.55 21.81
C GLU B 127 -29.34 -13.38 20.82
N TRP B 128 -29.31 -12.95 19.56
CA TRP B 128 -28.51 -13.64 18.55
C TRP B 128 -27.04 -13.54 18.95
N GLY B 129 -26.61 -12.36 19.36
CA GLY B 129 -25.23 -12.18 19.79
C GLY B 129 -24.83 -13.12 20.92
N GLU B 130 -25.70 -13.25 21.91
CA GLU B 130 -25.43 -14.08 23.08
C GLU B 130 -25.28 -15.51 22.67
N ILE B 131 -26.12 -15.97 21.73
CA ILE B 131 -26.03 -17.33 21.21
C ILE B 131 -24.68 -17.57 20.55
N LEU B 132 -24.22 -16.62 19.73
CA LEU B 132 -22.95 -16.79 19.05
C LEU B 132 -21.79 -16.86 20.04
N PHE B 133 -21.86 -16.05 21.10
CA PHE B 133 -20.79 -16.02 22.09
C PHE B 133 -20.96 -17.00 23.24
N SER B 134 -22.04 -17.77 23.21
CA SER B 134 -22.45 -18.57 24.37
C SER B 134 -21.33 -19.41 25.00
N SER B 135 -20.42 -19.94 24.20
CA SER B 135 -19.44 -20.86 24.75
C SER B 135 -18.07 -20.24 25.03
N PHE B 136 -17.96 -18.92 24.91
CA PHE B 136 -16.67 -18.26 25.10
C PHE B 136 -16.50 -17.72 26.49
N ASP B 137 -15.26 -17.67 26.97
CA ASP B 137 -14.98 -16.96 28.22
C ASP B 137 -14.89 -15.46 27.91
N ASP B 138 -14.80 -14.64 28.95
CA ASP B 138 -14.74 -13.18 28.73
C ASP B 138 -13.61 -12.74 27.80
N ARG B 139 -12.42 -13.34 27.95
CA ARG B 139 -11.26 -12.93 27.16
C ARG B 139 -11.35 -13.31 25.67
N GLN B 140 -12.01 -14.44 25.38
CA GLN B 140 -12.19 -14.82 23.99
C GLN B 140 -13.20 -13.86 23.35
N ARG B 141 -14.24 -13.48 24.11
CA ARG B 141 -15.23 -12.54 23.61
C ARG B 141 -14.60 -11.19 23.23
N ARG B 142 -13.70 -10.70 24.08
CA ARG B 142 -13.09 -9.39 23.83
C ARG B 142 -12.15 -9.44 22.62
N GLU B 143 -11.35 -10.49 22.51
CA GLU B 143 -10.45 -10.61 21.36
C GLU B 143 -11.24 -10.73 20.05
N ILE B 144 -12.35 -11.46 20.09
CA ILE B 144 -13.19 -11.66 18.94
C ILE B 144 -13.81 -10.35 18.46
N THR B 145 -14.35 -9.59 19.41
CA THR B 145 -14.98 -8.32 19.11
C THR B 145 -13.94 -7.39 18.53
N ASN B 146 -12.79 -7.32 19.18
CA ASN B 146 -11.75 -6.43 18.72
C ASN B 146 -11.39 -6.75 17.28
N SER B 147 -11.23 -8.05 17.03
CA SER B 147 -10.89 -8.52 15.70
C SER B 147 -11.96 -8.15 14.65
N LEU B 148 -13.23 -8.39 15.00
CA LEU B 148 -14.33 -8.03 14.10
C LEU B 148 -14.33 -6.55 13.73
N GLU B 149 -14.11 -5.67 14.72
CA GLU B 149 -14.01 -4.24 14.45
C GLU B 149 -12.92 -3.96 13.43
N ILE B 150 -11.77 -4.59 13.60
CA ILE B 150 -10.67 -4.37 12.69
C ILE B 150 -11.06 -4.87 11.30
N MSE B 151 -11.65 -6.06 11.24
CA MSE B 151 -12.04 -6.60 9.95
C MSE B 151 -13.09 -5.72 9.31
O MSE B 151 -13.02 -5.42 8.11
CB MSE B 151 -12.56 -8.02 10.10
CG MSE B 151 -11.46 -8.98 10.50
SE MSE B 151 -12.06 -10.84 10.57
CE MSE B 151 -10.38 -11.59 11.19
N PHE B 152 -14.06 -5.32 10.11
CA PHE B 152 -15.12 -4.42 9.67
C PHE B 152 -14.55 -3.18 8.99
N GLU B 153 -13.56 -2.55 9.61
CA GLU B 153 -12.94 -1.36 9.06
C GLU B 153 -12.09 -1.65 7.84
N ASN B 154 -11.41 -2.80 7.83
CA ASN B 154 -10.62 -3.20 6.68
C ASN B 154 -11.48 -3.26 5.43
N GLY B 155 -12.63 -3.91 5.55
CA GLY B 155 -13.54 -4.07 4.43
C GLY B 155 -14.28 -2.81 4.04
N LEU B 156 -14.49 -1.93 5.02
CA LEU B 156 -15.14 -0.66 4.76
C LEU B 156 -14.26 0.23 3.89
N LYS B 157 -12.95 0.14 4.08
CA LYS B 157 -12.01 0.96 3.31
C LYS B 157 -12.01 0.57 1.83
N ILE B 158 -12.33 -0.69 1.54
CA ILE B 158 -12.28 -1.19 0.17
C ILE B 158 -13.53 -0.82 -0.64
N MSE B 159 -14.57 -0.34 0.06
CA MSE B 159 -15.78 0.13 -0.60
C MSE B 159 -15.58 1.49 -1.23
O MSE B 159 -16.25 1.84 -2.20
CB MSE B 159 -16.93 0.19 0.40
CG MSE B 159 -17.24 -1.12 1.06
SE MSE B 159 -18.21 -2.36 -0.09
CE MSE B 159 -16.71 -3.34 -0.90
N CYS C 19 -56.25 -1.18 -42.73
CA CYS C 19 -54.89 -1.36 -43.24
C CYS C 19 -54.25 -0.04 -43.66
N ASP C 20 -54.61 0.47 -44.85
CA ASP C 20 -54.09 1.76 -45.30
C ASP C 20 -54.24 2.84 -44.22
N LYS C 21 -55.38 2.82 -43.53
CA LYS C 21 -55.65 3.72 -42.41
C LYS C 21 -54.62 3.63 -41.29
N GLU C 22 -54.14 2.43 -40.96
CA GLU C 22 -53.24 2.28 -39.80
C GLU C 22 -51.74 2.21 -40.15
N PHE C 23 -51.43 2.10 -41.44
CA PHE C 23 -50.06 2.03 -41.89
C PHE C 23 -49.47 3.40 -42.27
N ILE C 24 -50.33 4.33 -42.66
CA ILE C 24 -49.89 5.64 -43.17
C ILE C 24 -49.01 6.47 -42.19
N GLY C 25 -49.46 6.64 -40.95
CA GLY C 25 -48.70 7.38 -39.96
C GLY C 25 -47.32 6.77 -39.80
N LYS C 26 -47.26 5.45 -39.96
CA LYS C 26 -46.00 4.73 -39.89
C LYS C 26 -45.16 5.02 -41.13
N ALA C 27 -45.80 5.06 -42.30
CA ALA C 27 -45.08 5.32 -43.53
C ALA C 27 -44.43 6.69 -43.36
N ILE C 28 -45.27 7.65 -43.00
CA ILE C 28 -44.79 8.99 -42.76
C ILE C 28 -43.62 9.04 -41.76
N SER C 29 -43.75 8.38 -40.62
CA SER C 29 -42.72 8.47 -39.57
C SER C 29 -41.37 7.87 -39.99
N TYR C 30 -41.41 6.85 -40.83
CA TYR C 30 -40.21 6.27 -41.41
C TYR C 30 -39.52 7.25 -42.36
N LEU C 31 -40.27 7.83 -43.29
CA LEU C 31 -39.74 8.84 -44.19
C LEU C 31 -39.11 10.00 -43.43
N TYR C 32 -39.83 10.45 -42.41
CA TYR C 32 -39.33 11.47 -41.52
C TYR C 32 -38.00 11.08 -40.85
N ARG C 33 -37.95 9.89 -40.24
CA ARG C 33 -36.77 9.52 -39.45
C ARG C 33 -35.59 9.25 -40.33
N TYR C 34 -35.85 8.79 -41.54
CA TYR C 34 -34.76 8.52 -42.48
C TYR C 34 -34.24 9.82 -43.05
N GLY C 35 -35.17 10.71 -43.38
CA GLY C 35 -34.82 12.04 -43.84
C GLY C 35 -33.91 12.79 -42.87
N GLN C 36 -34.14 12.61 -41.57
CA GLN C 36 -33.30 13.27 -40.58
C GLN C 36 -31.89 12.74 -40.68
N ILE C 37 -31.77 11.44 -40.93
CA ILE C 37 -30.47 10.85 -41.09
C ILE C 37 -29.75 11.41 -42.31
N TYR C 38 -30.46 11.52 -43.41
CA TYR C 38 -29.86 12.03 -44.62
C TYR C 38 -29.46 13.49 -44.43
N ILE C 39 -30.41 14.30 -44.01
CA ILE C 39 -30.15 15.70 -43.80
C ILE C 39 -29.04 15.87 -42.77
N GLY C 40 -29.09 15.03 -41.74
CA GLY C 40 -28.10 15.01 -40.68
C GLY C 40 -26.68 14.94 -41.20
N LYS C 41 -26.47 14.08 -42.18
CA LYS C 41 -25.15 13.91 -42.78
C LYS C 41 -24.81 15.04 -43.73
N LYS C 42 -25.81 15.65 -44.35
CA LYS C 42 -25.55 16.75 -45.28
C LYS C 42 -25.16 18.03 -44.53
N ILE C 43 -25.53 18.15 -43.27
CA ILE C 43 -25.28 19.37 -42.53
C ILE C 43 -24.23 19.24 -41.40
N GLU C 44 -23.68 18.04 -41.20
CA GLU C 44 -22.58 17.82 -40.23
C GLU C 44 -21.47 18.86 -40.41
N PRO C 45 -21.02 19.06 -41.66
CA PRO C 45 -19.95 20.01 -42.03
C PRO C 45 -20.19 21.45 -41.56
N TYR C 46 -21.46 21.81 -41.35
CA TYR C 46 -21.74 23.14 -40.88
C TYR C 46 -21.83 23.11 -39.37
N GLY C 47 -21.67 21.91 -38.80
CA GLY C 47 -21.76 21.71 -37.36
C GLY C 47 -23.18 21.76 -36.83
N ILE C 48 -24.15 21.38 -37.65
CA ILE C 48 -25.57 21.47 -37.26
C ILE C 48 -26.18 20.08 -37.12
N GLY C 49 -26.87 19.84 -36.01
CA GLY C 49 -27.56 18.58 -35.79
C GLY C 49 -28.91 18.65 -36.51
N SER C 50 -29.49 17.48 -36.79
CA SER C 50 -30.71 17.39 -37.60
C SER C 50 -31.92 17.93 -36.88
N GLY C 51 -31.91 17.91 -35.55
CA GLY C 51 -32.97 18.51 -34.77
C GLY C 51 -33.06 20.05 -34.76
N GLN C 52 -32.03 20.73 -35.24
CA GLN C 52 -32.14 22.19 -35.31
C GLN C 52 -32.57 22.68 -36.67
N PHE C 53 -32.38 21.82 -37.67
CA PHE C 53 -32.78 22.10 -39.04
C PHE C 53 -34.20 22.71 -39.19
N PRO C 54 -35.23 22.05 -38.63
CA PRO C 54 -36.57 22.67 -38.82
C PRO C 54 -36.64 24.09 -38.25
N PHE C 55 -35.89 24.33 -37.19
CA PHE C 55 -35.87 25.65 -36.58
C PHE C 55 -35.28 26.69 -37.52
N LEU C 56 -34.13 26.38 -38.09
CA LEU C 56 -33.54 27.24 -39.09
C LEU C 56 -34.52 27.50 -40.22
N MSE C 57 -35.03 26.43 -40.84
CA MSE C 57 -35.98 26.55 -41.94
C MSE C 57 -37.16 27.47 -41.63
O MSE C 57 -37.49 28.34 -42.43
CB MSE C 57 -36.48 25.18 -42.39
CG MSE C 57 -35.40 24.33 -43.04
SE MSE C 57 -34.53 25.13 -44.61
CE MSE C 57 -36.10 25.52 -45.68
N ARG C 58 -37.79 27.28 -40.47
CA ARG C 58 -38.88 28.16 -40.07
C ARG C 58 -38.40 29.61 -40.01
N LEU C 59 -37.22 29.83 -39.44
CA LEU C 59 -36.69 31.19 -39.31
C LEU C 59 -36.40 31.84 -40.64
N TYR C 60 -36.17 31.04 -41.65
CA TYR C 60 -35.98 31.60 -42.97
C TYR C 60 -37.28 32.15 -43.54
N ARG C 61 -38.40 31.64 -43.04
CA ARG C 61 -39.72 32.03 -43.54
C ARG C 61 -40.12 33.30 -42.81
N GLU C 62 -39.89 33.30 -41.50
CA GLU C 62 -40.21 34.42 -40.64
C GLU C 62 -39.14 34.51 -39.57
N ASP C 63 -38.61 35.70 -39.37
CA ASP C 63 -37.44 35.90 -38.54
C ASP C 63 -37.75 36.85 -37.37
N GLY C 64 -37.16 36.61 -36.20
CA GLY C 64 -37.44 37.44 -35.04
C GLY C 64 -38.66 36.94 -34.31
N ILE C 65 -38.84 35.64 -34.32
CA ILE C 65 -40.03 35.01 -33.77
C ILE C 65 -39.80 34.62 -32.32
N ASN C 66 -40.79 34.86 -31.48
CA ASN C 66 -40.75 34.35 -30.13
C ASN C 66 -40.51 32.85 -30.13
N GLN C 67 -39.81 32.37 -29.11
CA GLN C 67 -39.42 30.97 -29.03
C GLN C 67 -40.59 30.04 -28.65
N GLU C 68 -41.55 30.57 -27.92
CA GLU C 68 -42.79 29.85 -27.65
C GLU C 68 -43.53 29.63 -28.97
N SER C 69 -43.48 30.63 -29.83
CA SER C 69 -44.22 30.56 -31.09
C SER C 69 -43.59 29.57 -32.04
N LEU C 70 -42.26 29.54 -32.04
CA LEU C 70 -41.56 28.54 -32.81
C LEU C 70 -42.12 27.17 -32.49
N SER C 71 -42.04 26.83 -31.21
CA SER C 71 -42.37 25.52 -30.73
C SER C 71 -43.82 25.19 -31.02
N ASP C 72 -44.70 26.19 -30.94
CA ASP C 72 -46.09 25.98 -31.29
C ASP C 72 -46.33 25.72 -32.77
N TYR C 73 -45.79 26.56 -33.65
CA TYR C 73 -45.98 26.33 -35.08
C TYR C 73 -45.40 24.99 -35.52
N LEU C 74 -44.21 24.65 -35.03
CA LEU C 74 -43.53 23.41 -35.38
C LEU C 74 -44.07 22.19 -34.62
N LYS C 75 -44.79 22.43 -33.54
CA LYS C 75 -45.31 21.35 -32.71
C LYS C 75 -44.17 20.43 -32.23
N ILE C 76 -43.07 21.06 -31.81
CA ILE C 76 -41.98 20.40 -31.09
C ILE C 76 -42.05 20.99 -29.70
N ASP C 77 -41.85 20.18 -28.65
CA ASP C 77 -42.19 20.64 -27.31
C ASP C 77 -41.16 21.59 -26.70
N LYS C 78 -41.56 22.26 -25.62
CA LYS C 78 -40.78 23.32 -24.99
C LYS C 78 -39.31 22.95 -24.78
N GLY C 79 -39.06 21.88 -24.06
CA GLY C 79 -37.71 21.43 -23.75
C GLY C 79 -36.84 21.17 -24.97
N THR C 80 -37.36 20.43 -25.96
CA THR C 80 -36.63 20.11 -27.18
C THR C 80 -36.22 21.36 -27.97
N THR C 81 -37.12 22.34 -27.97
CA THR C 81 -36.89 23.61 -28.64
C THR C 81 -35.79 24.43 -27.97
N ALA C 82 -35.79 24.48 -26.64
CA ALA C 82 -34.75 25.22 -25.92
C ALA C 82 -33.40 24.63 -26.27
N ARG C 83 -33.35 23.31 -26.33
CA ARG C 83 -32.12 22.61 -26.57
C ARG C 83 -31.65 22.88 -27.99
N ALA C 84 -32.58 22.90 -28.92
CA ALA C 84 -32.22 23.05 -30.33
C ALA C 84 -31.75 24.48 -30.54
N ILE C 85 -32.44 25.40 -29.89
CA ILE C 85 -32.16 26.82 -30.05
C ILE C 85 -30.83 27.15 -29.40
N GLN C 86 -30.60 26.57 -28.23
CA GLN C 86 -29.35 26.80 -27.51
C GLN C 86 -28.16 26.35 -28.37
N LYS C 87 -28.32 25.21 -29.02
CA LYS C 87 -27.29 24.72 -29.92
C LYS C 87 -27.09 25.65 -31.13
N LEU C 88 -28.18 26.17 -31.68
CA LEU C 88 -28.08 27.14 -32.77
C LEU C 88 -27.41 28.45 -32.32
N VAL C 89 -27.69 28.86 -31.08
CA VAL C 89 -27.04 30.03 -30.53
C VAL C 89 -25.54 29.82 -30.30
N ASP C 90 -25.18 28.64 -29.79
CA ASP C 90 -23.77 28.28 -29.54
C ASP C 90 -22.98 28.14 -30.82
N GLU C 91 -23.67 27.72 -31.87
CA GLU C 91 -23.04 27.50 -33.16
C GLU C 91 -22.92 28.80 -33.90
N GLY C 92 -23.55 29.85 -33.38
CA GLY C 92 -23.47 31.20 -33.94
C GLY C 92 -24.41 31.52 -35.10
N TYR C 93 -25.52 30.79 -35.21
CA TYR C 93 -26.41 30.89 -36.37
C TYR C 93 -27.66 31.67 -36.01
N VAL C 94 -27.97 31.73 -34.72
CA VAL C 94 -29.03 32.60 -34.24
C VAL C 94 -28.61 33.29 -32.95
N PHE C 95 -29.39 34.30 -32.54
CA PHE C 95 -29.20 34.92 -31.24
C PHE C 95 -30.56 35.21 -30.65
N ARG C 96 -30.62 35.39 -29.34
CA ARG C 96 -31.90 35.70 -28.70
C ARG C 96 -31.94 37.14 -28.19
N GLN C 97 -33.11 37.75 -28.22
CA GLN C 97 -33.30 39.03 -27.54
C GLN C 97 -34.50 38.94 -26.61
N ARG C 98 -34.31 39.35 -25.36
CA ARG C 98 -35.41 39.41 -24.41
C ARG C 98 -36.36 40.53 -24.78
N ASP C 99 -37.67 40.27 -24.82
CA ASP C 99 -38.61 41.35 -25.07
C ASP C 99 -39.80 41.41 -24.11
N GLU C 100 -39.90 42.53 -23.40
CA GLU C 100 -41.02 42.79 -22.51
C GLU C 100 -41.80 44.02 -22.99
N ARG C 104 -39.70 34.76 -18.33
CA ARG C 104 -39.70 35.75 -19.40
C ARG C 104 -39.46 35.08 -20.74
N SER C 105 -39.71 35.81 -21.82
CA SER C 105 -39.70 35.21 -23.15
C SER C 105 -38.71 35.87 -24.13
N TYR C 106 -38.33 35.12 -25.15
CA TYR C 106 -37.23 35.49 -26.01
C TYR C 106 -37.62 35.45 -27.48
N ARG C 107 -37.13 36.42 -28.25
CA ARG C 107 -37.25 36.32 -29.68
C ARG C 107 -35.96 35.76 -30.26
N VAL C 108 -36.09 34.90 -31.27
CA VAL C 108 -34.90 34.38 -31.92
C VAL C 108 -34.73 34.98 -33.31
N PHE C 109 -33.51 35.39 -33.60
CA PHE C 109 -33.16 36.01 -34.87
C PHE C 109 -31.99 35.26 -35.44
N LEU C 110 -31.89 35.27 -36.76
CA LEU C 110 -30.70 34.77 -37.44
C LEU C 110 -29.55 35.79 -37.37
N THR C 111 -28.33 35.29 -37.21
CA THR C 111 -27.13 36.10 -37.34
C THR C 111 -26.77 36.17 -38.83
N GLU C 112 -25.74 36.95 -39.17
CA GLU C 112 -25.34 37.03 -40.57
C GLU C 112 -24.96 35.66 -41.07
N LYS C 113 -24.17 34.95 -40.24
CA LYS C 113 -23.72 33.58 -40.47
C LYS C 113 -24.90 32.67 -40.84
N GLY C 114 -25.99 32.82 -40.10
CA GLY C 114 -27.20 32.05 -40.35
C GLY C 114 -27.90 32.44 -41.64
N LYS C 115 -27.96 33.73 -41.95
CA LYS C 115 -28.54 34.15 -43.21
C LYS C 115 -27.75 33.58 -44.39
N LYS C 116 -26.43 33.68 -44.36
CA LYS C 116 -25.63 33.25 -45.50
C LYS C 116 -25.82 31.75 -45.79
N LEU C 117 -26.14 31.00 -44.74
CA LEU C 117 -26.26 29.56 -44.84
C LEU C 117 -27.57 29.15 -45.48
N GLU C 118 -28.46 30.10 -45.72
CA GLU C 118 -29.81 29.79 -46.25
C GLU C 118 -29.82 29.03 -47.57
N PRO C 119 -29.18 29.60 -48.61
CA PRO C 119 -29.16 28.92 -49.91
C PRO C 119 -28.70 27.46 -49.80
N ASP C 120 -27.77 27.17 -48.89
CA ASP C 120 -27.24 25.81 -48.71
C ASP C 120 -28.26 24.93 -48.03
N MSE C 121 -28.90 25.47 -47.00
CA MSE C 121 -29.93 24.74 -46.27
C MSE C 121 -31.06 24.34 -47.19
O MSE C 121 -31.53 23.21 -47.15
CB MSE C 121 -30.45 25.59 -45.09
CG MSE C 121 -29.41 25.82 -43.99
SE MSE C 121 -28.67 24.13 -43.35
CE MSE C 121 -26.91 24.18 -44.21
N LYS C 122 -31.49 25.27 -48.03
CA LYS C 122 -32.60 24.99 -48.92
C LYS C 122 -32.21 23.96 -49.98
N LYS C 123 -30.99 24.08 -50.50
CA LYS C 123 -30.53 23.13 -51.48
C LYS C 123 -30.54 21.72 -50.87
N ILE C 124 -30.03 21.59 -49.65
CA ILE C 124 -29.98 20.29 -49.02
C ILE C 124 -31.37 19.71 -48.82
N ALA C 125 -32.35 20.55 -48.49
CA ALA C 125 -33.73 20.06 -48.37
C ALA C 125 -34.28 19.54 -49.71
N SER C 126 -34.03 20.28 -50.79
CA SER C 126 -34.42 19.86 -52.14
C SER C 126 -33.85 18.51 -52.50
N GLU C 127 -32.62 18.29 -52.09
CA GLU C 127 -31.90 17.10 -52.47
C GLU C 127 -32.59 15.85 -51.92
N TRP C 128 -33.08 15.91 -50.68
CA TRP C 128 -33.80 14.80 -50.08
C TRP C 128 -35.03 14.51 -50.92
N GLY C 129 -35.63 15.58 -51.42
CA GLY C 129 -36.82 15.44 -52.24
C GLY C 129 -36.52 14.72 -53.54
N GLU C 130 -35.41 15.06 -54.18
CA GLU C 130 -35.09 14.44 -55.46
C GLU C 130 -34.80 12.95 -55.32
N ILE C 131 -34.33 12.55 -54.15
CA ILE C 131 -34.10 11.14 -53.87
C ILE C 131 -35.43 10.42 -53.77
N LEU C 132 -36.33 10.98 -52.96
CA LEU C 132 -37.67 10.40 -52.81
C LEU C 132 -38.36 10.26 -54.16
N PHE C 133 -38.33 11.32 -54.96
CA PHE C 133 -39.03 11.34 -56.23
C PHE C 133 -38.25 10.63 -57.32
N SER C 134 -37.02 10.24 -57.01
CA SER C 134 -36.10 9.75 -58.02
C SER C 134 -36.74 8.83 -59.05
N SER C 135 -37.63 7.94 -58.61
CA SER C 135 -38.20 6.93 -59.50
C SER C 135 -39.47 7.40 -60.19
N PHE C 136 -39.97 8.56 -59.80
CA PHE C 136 -41.23 9.08 -60.36
C PHE C 136 -41.01 10.03 -61.52
N ASP C 137 -42.08 10.24 -62.28
CA ASP C 137 -42.09 11.11 -63.45
C ASP C 137 -42.89 12.36 -63.15
N ASP C 138 -42.61 13.44 -63.86
CA ASP C 138 -43.30 14.72 -63.65
C ASP C 138 -44.79 14.59 -63.34
N ARG C 139 -45.46 13.65 -64.01
CA ARG C 139 -46.88 13.42 -63.78
C ARG C 139 -47.12 12.86 -62.38
N GLN C 140 -46.40 11.79 -62.07
CA GLN C 140 -46.57 11.09 -60.80
C GLN C 140 -46.17 11.97 -59.62
N ARG C 141 -45.17 12.84 -59.83
CA ARG C 141 -44.65 13.71 -58.78
C ARG C 141 -45.65 14.77 -58.33
N ARG C 142 -46.42 15.29 -59.26
CA ARG C 142 -47.37 16.34 -58.94
C ARG C 142 -48.56 15.78 -58.16
N GLU C 143 -48.98 14.56 -58.52
CA GLU C 143 -50.14 13.92 -57.89
C GLU C 143 -49.89 13.54 -56.42
N ILE C 144 -48.70 13.06 -56.12
CA ILE C 144 -48.37 12.79 -54.72
C ILE C 144 -48.08 14.09 -53.96
N THR C 145 -47.70 15.15 -54.67
CA THR C 145 -47.58 16.45 -54.01
C THR C 145 -48.96 16.97 -53.59
N ASN C 146 -49.94 16.90 -54.51
CA ASN C 146 -51.32 17.28 -54.21
C ASN C 146 -51.84 16.54 -52.97
N SER C 147 -51.75 15.21 -53.02
CA SER C 147 -52.21 14.36 -51.93
C SER C 147 -51.60 14.75 -50.58
N LEU C 148 -50.27 14.97 -50.53
CA LEU C 148 -49.63 15.30 -49.26
C LEU C 148 -50.15 16.64 -48.76
N GLU C 149 -50.38 17.54 -49.70
CA GLU C 149 -51.00 18.81 -49.41
C GLU C 149 -52.33 18.59 -48.67
N ILE C 150 -53.22 17.81 -49.28
CA ILE C 150 -54.53 17.56 -48.70
C ILE C 150 -54.39 16.99 -47.30
N MSE C 151 -53.59 15.94 -47.16
CA MSE C 151 -53.38 15.31 -45.86
C MSE C 151 -52.79 16.33 -44.90
O MSE C 151 -53.22 16.41 -43.75
CB MSE C 151 -52.45 14.11 -46.00
CG MSE C 151 -52.88 13.11 -47.06
SE MSE C 151 -51.64 11.63 -47.17
CE MSE C 151 -51.71 11.06 -45.31
N PHE C 152 -51.82 17.09 -45.38
CA PHE C 152 -51.16 18.12 -44.57
C PHE C 152 -52.18 19.05 -43.91
N GLU C 153 -53.22 19.43 -44.64
CA GLU C 153 -54.18 20.39 -44.08
C GLU C 153 -55.26 19.71 -43.25
N ASN C 154 -55.62 18.49 -43.65
CA ASN C 154 -56.42 17.60 -42.81
C ASN C 154 -55.83 17.52 -41.40
N GLY C 155 -54.51 17.40 -41.35
CA GLY C 155 -53.79 17.22 -40.09
C GLY C 155 -53.68 18.50 -39.28
N LEU C 156 -53.67 19.63 -39.99
CA LEU C 156 -53.64 20.96 -39.38
C LEU C 156 -55.00 21.42 -38.84
N LYS C 157 -56.10 21.00 -39.47
CA LYS C 157 -57.43 21.29 -38.95
C LYS C 157 -57.52 20.96 -37.46
N ILE C 158 -57.12 19.73 -37.11
CA ILE C 158 -57.38 19.15 -35.78
C ILE C 158 -56.40 19.60 -34.69
N MSE C 159 -55.56 20.58 -35.01
CA MSE C 159 -54.83 21.33 -33.98
C MSE C 159 -54.81 22.83 -34.28
O MSE C 159 -55.46 23.30 -35.22
CB MSE C 159 -53.40 20.80 -33.82
CG MSE C 159 -53.35 19.42 -33.19
SE MSE C 159 -52.27 18.26 -34.31
CE MSE C 159 -50.78 19.45 -34.43
N CYS D 19 -39.11 23.56 -55.12
CA CYS D 19 -40.56 23.59 -55.23
C CYS D 19 -41.18 22.36 -54.56
N ASP D 20 -41.79 21.50 -55.36
CA ASP D 20 -42.35 20.24 -54.86
C ASP D 20 -41.27 19.48 -54.10
N LYS D 21 -40.07 19.45 -54.67
CA LYS D 21 -38.95 18.71 -54.10
C LYS D 21 -38.60 19.22 -52.70
N GLU D 22 -38.91 20.48 -52.43
CA GLU D 22 -38.62 21.07 -51.13
C GLU D 22 -39.83 21.04 -50.19
N PHE D 23 -41.02 20.96 -50.79
CA PHE D 23 -42.24 20.92 -50.01
C PHE D 23 -42.52 19.54 -49.39
N ILE D 24 -42.37 18.49 -50.18
CA ILE D 24 -42.65 17.15 -49.68
C ILE D 24 -41.93 16.88 -48.36
N GLY D 25 -40.64 17.18 -48.30
CA GLY D 25 -39.85 17.04 -47.08
C GLY D 25 -40.42 17.81 -45.90
N LYS D 26 -41.00 18.98 -46.17
CA LYS D 26 -41.63 19.76 -45.11
C LYS D 26 -42.98 19.15 -44.75
N ALA D 27 -43.73 18.75 -45.77
CA ALA D 27 -45.04 18.13 -45.53
C ALA D 27 -44.87 16.89 -44.65
N ILE D 28 -43.96 16.00 -45.04
CA ILE D 28 -43.67 14.84 -44.23
C ILE D 28 -43.36 15.26 -42.80
N SER D 29 -42.44 16.19 -42.66
CA SER D 29 -41.99 16.73 -41.39
C SER D 29 -43.15 17.15 -40.48
N TYR D 30 -44.09 17.94 -41.01
CA TYR D 30 -45.18 18.43 -40.18
C TYR D 30 -46.21 17.35 -39.92
N LEU D 31 -46.38 16.44 -40.86
CA LEU D 31 -47.37 15.38 -40.65
C LEU D 31 -46.91 14.39 -39.57
N TYR D 32 -45.61 14.19 -39.47
CA TYR D 32 -45.03 13.43 -38.38
C TYR D 32 -45.31 14.08 -37.03
N ARG D 33 -45.03 15.37 -36.92
CA ARG D 33 -45.18 16.05 -35.63
C ARG D 33 -46.64 16.28 -35.21
N TYR D 34 -47.54 16.45 -36.16
CA TYR D 34 -48.96 16.53 -35.83
C TYR D 34 -49.36 15.14 -35.35
N GLY D 35 -48.89 14.13 -36.07
CA GLY D 35 -49.13 12.75 -35.68
C GLY D 35 -48.78 12.58 -34.22
N GLN D 36 -47.59 13.03 -33.81
CA GLN D 36 -47.15 12.82 -32.43
C GLN D 36 -48.04 13.58 -31.43
N ILE D 37 -48.49 14.77 -31.80
CA ILE D 37 -49.34 15.53 -30.92
C ILE D 37 -50.66 14.80 -30.81
N TYR D 38 -51.22 14.43 -31.95
CA TYR D 38 -52.56 13.85 -31.96
C TYR D 38 -52.66 12.50 -31.26
N ILE D 39 -51.63 11.68 -31.37
CA ILE D 39 -51.64 10.35 -30.81
C ILE D 39 -51.26 10.44 -29.36
N GLY D 40 -50.24 11.27 -29.10
CA GLY D 40 -49.80 11.58 -27.76
C GLY D 40 -50.97 11.89 -26.84
N LYS D 41 -51.90 12.73 -27.29
CA LYS D 41 -53.03 13.04 -26.42
C LYS D 41 -53.97 11.84 -26.29
N LYS D 42 -54.09 11.06 -27.36
CA LYS D 42 -54.93 9.88 -27.30
C LYS D 42 -54.40 8.82 -26.32
N ILE D 43 -53.10 8.58 -26.29
CA ILE D 43 -52.53 7.51 -25.46
C ILE D 43 -52.11 7.91 -24.04
N GLU D 44 -52.02 9.21 -23.79
CA GLU D 44 -51.74 9.73 -22.45
C GLU D 44 -52.45 8.97 -21.32
N PRO D 45 -53.77 8.78 -21.44
CA PRO D 45 -54.50 8.07 -20.40
C PRO D 45 -53.92 6.67 -20.11
N TYR D 46 -52.92 6.23 -20.87
CA TYR D 46 -52.30 4.94 -20.59
C TYR D 46 -50.89 5.10 -20.05
N GLY D 47 -50.49 6.33 -19.73
CA GLY D 47 -49.15 6.59 -19.25
C GLY D 47 -48.09 6.47 -20.32
N ILE D 48 -48.49 6.39 -21.58
CA ILE D 48 -47.53 6.32 -22.67
C ILE D 48 -47.28 7.68 -23.34
N GLY D 49 -46.00 8.03 -23.52
CA GLY D 49 -45.65 9.17 -24.34
C GLY D 49 -45.67 8.78 -25.80
N SER D 50 -45.66 9.74 -26.70
CA SER D 50 -45.63 9.41 -28.13
C SER D 50 -44.25 8.91 -28.58
N GLY D 51 -43.23 9.13 -27.75
CA GLY D 51 -41.88 8.65 -28.01
C GLY D 51 -41.77 7.14 -27.85
N GLN D 52 -42.67 6.56 -27.06
CA GLN D 52 -42.66 5.12 -26.87
C GLN D 52 -43.59 4.43 -27.88
N PHE D 53 -44.54 5.19 -28.42
CA PHE D 53 -45.55 4.64 -29.28
C PHE D 53 -44.98 3.84 -30.46
N PRO D 54 -43.97 4.38 -31.18
CA PRO D 54 -43.53 3.58 -32.33
C PRO D 54 -42.89 2.26 -31.88
N PHE D 55 -42.31 2.20 -30.69
CA PHE D 55 -41.81 0.93 -30.16
C PHE D 55 -42.92 -0.10 -29.87
N LEU D 56 -44.00 0.27 -29.18
CA LEU D 56 -45.08 -0.68 -28.99
C LEU D 56 -45.52 -1.21 -30.34
N MSE D 57 -45.75 -0.30 -31.30
CA MSE D 57 -46.21 -0.72 -32.63
C MSE D 57 -45.30 -1.68 -33.41
O MSE D 57 -45.77 -2.59 -34.10
CB MSE D 57 -46.62 0.48 -33.48
CG MSE D 57 -47.72 1.34 -32.83
SE MSE D 57 -49.52 0.52 -32.64
CE MSE D 57 -50.10 0.67 -34.48
N ARG D 58 -43.99 -1.50 -33.31
CA ARG D 58 -43.07 -2.49 -33.85
C ARG D 58 -43.41 -3.80 -33.21
N LEU D 59 -43.52 -3.78 -31.88
CA LEU D 59 -43.68 -5.01 -31.09
C LEU D 59 -44.96 -5.80 -31.37
N TYR D 60 -46.04 -5.09 -31.72
CA TYR D 60 -47.25 -5.77 -32.15
C TYR D 60 -47.01 -6.52 -33.47
N ARG D 61 -46.12 -5.96 -34.31
CA ARG D 61 -45.78 -6.58 -35.60
C ARG D 61 -44.88 -7.79 -35.38
N GLU D 62 -43.97 -7.67 -34.43
CA GLU D 62 -43.10 -8.79 -34.03
C GLU D 62 -42.33 -8.50 -32.75
N ASP D 63 -42.62 -9.24 -31.68
CA ASP D 63 -41.89 -9.00 -30.45
C ASP D 63 -40.81 -10.03 -30.20
N GLY D 64 -40.02 -9.82 -29.16
CA GLY D 64 -38.85 -10.63 -28.94
C GLY D 64 -37.72 -10.11 -29.82
N ILE D 65 -37.74 -8.83 -30.10
CA ILE D 65 -36.75 -8.27 -31.01
C ILE D 65 -35.64 -7.52 -30.26
N ASN D 66 -34.42 -7.67 -30.76
CA ASN D 66 -33.25 -7.11 -30.10
C ASN D 66 -33.34 -5.59 -30.02
N GLN D 67 -32.90 -5.03 -28.90
CA GLN D 67 -33.09 -3.61 -28.65
C GLN D 67 -32.33 -2.80 -29.70
N GLU D 68 -31.13 -3.25 -30.04
CA GLU D 68 -30.35 -2.60 -31.08
C GLU D 68 -31.15 -2.58 -32.38
N SER D 69 -31.80 -3.69 -32.69
CA SER D 69 -32.51 -3.81 -33.95
C SER D 69 -33.71 -2.86 -33.98
N LEU D 70 -34.39 -2.75 -32.85
CA LEU D 70 -35.35 -1.65 -32.71
C LEU D 70 -34.73 -0.32 -33.12
N SER D 71 -33.63 0.08 -32.48
CA SER D 71 -32.97 1.33 -32.85
C SER D 71 -32.72 1.36 -34.35
N ASP D 72 -32.24 0.24 -34.89
CA ASP D 72 -31.78 0.18 -36.28
C ASP D 72 -32.90 0.31 -37.30
N TYR D 73 -33.96 -0.49 -37.17
CA TYR D 73 -35.08 -0.40 -38.11
C TYR D 73 -35.67 1.00 -38.02
N LEU D 74 -36.00 1.40 -36.80
CA LEU D 74 -36.79 2.59 -36.58
C LEU D 74 -35.99 3.87 -36.81
N LYS D 75 -34.67 3.74 -36.75
CA LYS D 75 -33.81 4.91 -36.93
C LYS D 75 -34.02 5.88 -35.77
N ILE D 76 -34.31 5.35 -34.59
CA ILE D 76 -34.26 6.13 -33.37
C ILE D 76 -32.97 5.73 -32.64
N ASP D 77 -32.18 6.73 -32.26
CA ASP D 77 -30.87 6.44 -31.65
C ASP D 77 -30.97 5.60 -30.37
N LYS D 78 -29.82 5.18 -29.88
CA LYS D 78 -29.72 4.25 -28.76
C LYS D 78 -30.21 4.83 -27.42
N GLY D 79 -29.87 6.09 -27.15
CA GLY D 79 -30.23 6.72 -25.89
C GLY D 79 -31.72 6.97 -25.76
N THR D 80 -32.30 7.41 -26.88
CA THR D 80 -33.72 7.70 -26.97
C THR D 80 -34.46 6.36 -26.89
N THR D 81 -33.94 5.39 -27.63
CA THR D 81 -34.47 4.04 -27.61
C THR D 81 -34.46 3.49 -26.22
N ALA D 82 -33.40 3.78 -25.50
CA ALA D 82 -33.18 3.15 -24.22
C ALA D 82 -34.14 3.75 -23.20
N ARG D 83 -34.43 5.04 -23.38
CA ARG D 83 -35.33 5.74 -22.48
C ARG D 83 -36.79 5.39 -22.73
N ALA D 84 -37.20 5.40 -23.99
CA ALA D 84 -38.53 4.95 -24.34
C ALA D 84 -38.80 3.54 -23.77
N ILE D 85 -37.86 2.61 -23.95
CA ILE D 85 -38.06 1.24 -23.50
C ILE D 85 -38.10 1.15 -21.98
N GLN D 86 -37.23 1.90 -21.31
CA GLN D 86 -37.20 1.82 -19.86
C GLN D 86 -38.55 2.28 -19.32
N LYS D 87 -39.16 3.24 -20.00
CA LYS D 87 -40.48 3.73 -19.59
C LYS D 87 -41.60 2.71 -19.81
N LEU D 88 -41.64 2.11 -21.00
CA LEU D 88 -42.62 1.05 -21.25
C LEU D 88 -42.47 -0.08 -20.21
N VAL D 89 -41.24 -0.49 -19.91
CA VAL D 89 -40.97 -1.41 -18.82
C VAL D 89 -41.53 -0.88 -17.50
N ASP D 90 -41.13 0.33 -17.14
CA ASP D 90 -41.55 0.90 -15.85
C ASP D 90 -43.07 0.90 -15.74
N GLU D 91 -43.73 1.24 -16.83
CA GLU D 91 -45.19 1.27 -16.79
C GLU D 91 -45.87 -0.10 -17.11
N GLY D 92 -45.06 -1.16 -17.21
CA GLY D 92 -45.59 -2.51 -17.25
C GLY D 92 -46.03 -3.08 -18.59
N TYR D 93 -45.66 -2.42 -19.68
CA TYR D 93 -46.11 -2.86 -20.99
C TYR D 93 -45.14 -3.84 -21.66
N VAL D 94 -43.85 -3.72 -21.35
CA VAL D 94 -42.86 -4.61 -21.92
C VAL D 94 -41.90 -5.11 -20.86
N PHE D 95 -41.26 -6.24 -21.14
CA PHE D 95 -40.13 -6.70 -20.34
C PHE D 95 -38.97 -7.04 -21.25
N ARG D 96 -37.80 -7.23 -20.63
CA ARG D 96 -36.57 -7.50 -21.36
C ARG D 96 -35.91 -8.79 -20.90
N GLN D 97 -35.54 -9.63 -21.86
CA GLN D 97 -34.78 -10.84 -21.55
C GLN D 97 -33.33 -10.65 -21.97
N ARG D 98 -32.42 -10.82 -21.02
CA ARG D 98 -30.99 -10.63 -21.22
C ARG D 98 -30.40 -11.84 -21.92
N ASP D 99 -29.54 -11.63 -22.92
CA ASP D 99 -28.84 -12.76 -23.56
C ASP D 99 -27.59 -13.21 -22.77
N GLU D 100 -27.53 -14.50 -22.45
CA GLU D 100 -26.48 -15.04 -21.58
C GLU D 100 -25.05 -14.73 -22.04
N ARG D 104 -24.46 -10.32 -24.41
CA ARG D 104 -25.09 -9.47 -23.40
C ARG D 104 -25.92 -8.30 -23.96
N SER D 105 -26.85 -8.61 -24.87
CA SER D 105 -27.85 -7.64 -25.33
C SER D 105 -29.21 -8.03 -24.75
N TYR D 106 -30.27 -7.34 -25.16
CA TYR D 106 -31.60 -7.65 -24.66
C TYR D 106 -32.62 -7.80 -25.77
N ARG D 107 -33.53 -8.75 -25.62
CA ARG D 107 -34.73 -8.78 -26.46
C ARG D 107 -35.86 -8.16 -25.66
N VAL D 108 -36.66 -7.33 -26.31
CA VAL D 108 -37.85 -6.73 -25.73
C VAL D 108 -39.12 -7.51 -26.08
N PHE D 109 -39.96 -7.78 -25.08
CA PHE D 109 -41.21 -8.51 -25.28
C PHE D 109 -42.39 -7.72 -24.73
N LEU D 110 -43.55 -7.92 -25.33
CA LEU D 110 -44.76 -7.34 -24.75
C LEU D 110 -45.15 -8.17 -23.52
N THR D 111 -45.55 -7.49 -22.44
CA THR D 111 -46.23 -8.13 -21.32
C THR D 111 -47.70 -8.43 -21.67
N GLU D 112 -48.39 -9.11 -20.78
CA GLU D 112 -49.78 -9.42 -21.05
C GLU D 112 -50.54 -8.13 -21.13
N LYS D 113 -50.28 -7.26 -20.16
CA LYS D 113 -50.90 -5.96 -20.06
C LYS D 113 -50.70 -5.15 -21.34
N GLY D 114 -49.46 -5.18 -21.86
CA GLY D 114 -49.13 -4.56 -23.13
C GLY D 114 -49.84 -5.18 -24.33
N LYS D 115 -50.00 -6.50 -24.33
CA LYS D 115 -50.74 -7.19 -25.38
C LYS D 115 -52.21 -6.81 -25.37
N LYS D 116 -52.77 -6.66 -24.17
CA LYS D 116 -54.18 -6.39 -23.96
C LYS D 116 -54.51 -4.99 -24.47
N LEU D 117 -53.48 -4.21 -24.76
CA LEU D 117 -53.70 -2.83 -25.16
C LEU D 117 -53.67 -2.70 -26.67
N GLU D 118 -53.23 -3.76 -27.33
CA GLU D 118 -53.05 -3.70 -28.77
C GLU D 118 -54.27 -3.14 -29.49
N PRO D 119 -55.48 -3.66 -29.18
CA PRO D 119 -56.67 -3.20 -29.90
C PRO D 119 -56.80 -1.69 -29.87
N ASP D 120 -56.64 -1.12 -28.67
CA ASP D 120 -56.79 0.33 -28.48
C ASP D 120 -55.73 1.11 -29.23
N MSE D 121 -54.49 0.64 -29.14
CA MSE D 121 -53.38 1.28 -29.82
C MSE D 121 -53.60 1.27 -31.34
O MSE D 121 -53.44 2.30 -31.99
CB MSE D 121 -52.06 0.60 -29.47
CG MSE D 121 -51.73 0.64 -27.98
SE MSE D 121 -51.49 2.47 -27.33
CE MSE D 121 -53.12 2.65 -26.27
N LYS D 122 -53.99 0.12 -31.88
CA LYS D 122 -54.35 0.04 -33.29
C LYS D 122 -55.56 0.95 -33.63
N LYS D 123 -56.56 0.99 -32.75
CA LYS D 123 -57.70 1.89 -32.99
C LYS D 123 -57.20 3.32 -33.17
N ILE D 124 -56.24 3.69 -32.33
CA ILE D 124 -55.79 5.06 -32.25
C ILE D 124 -54.95 5.42 -33.47
N ALA D 125 -54.06 4.52 -33.88
CA ALA D 125 -53.33 4.75 -35.13
C ALA D 125 -54.32 4.88 -36.28
N SER D 126 -55.34 4.03 -36.31
CA SER D 126 -56.41 4.14 -37.31
C SER D 126 -57.18 5.47 -37.32
N GLU D 127 -57.46 6.04 -36.16
CA GLU D 127 -58.18 7.32 -36.13
C GLU D 127 -57.39 8.41 -36.82
N TRP D 128 -56.08 8.44 -36.58
CA TRP D 128 -55.16 9.37 -37.25
C TRP D 128 -55.11 9.15 -38.77
N GLY D 129 -55.17 7.91 -39.22
CA GLY D 129 -55.25 7.64 -40.64
C GLY D 129 -56.51 8.25 -41.25
N GLU D 130 -57.66 7.90 -40.71
CA GLU D 130 -58.90 8.39 -41.26
C GLU D 130 -58.87 9.91 -41.38
N ILE D 131 -58.31 10.58 -40.38
CA ILE D 131 -58.22 12.03 -40.40
C ILE D 131 -57.44 12.48 -41.63
N LEU D 132 -56.24 11.93 -41.80
CA LEU D 132 -55.38 12.31 -42.92
C LEU D 132 -56.04 11.96 -44.25
N PHE D 133 -56.87 10.93 -44.23
CA PHE D 133 -57.48 10.40 -45.43
C PHE D 133 -58.91 10.85 -45.60
N SER D 134 -59.27 11.95 -44.97
CA SER D 134 -60.67 12.36 -45.05
C SER D 134 -61.17 12.54 -46.48
N SER D 135 -60.53 13.40 -47.25
CA SER D 135 -61.07 13.69 -48.58
C SER D 135 -60.78 12.59 -49.60
N PHE D 136 -60.10 11.52 -49.18
CA PHE D 136 -59.62 10.51 -50.11
C PHE D 136 -60.50 9.27 -50.18
N ASP D 137 -60.72 8.75 -51.39
CA ASP D 137 -61.46 7.49 -51.55
C ASP D 137 -60.51 6.29 -51.57
N ASP D 138 -61.06 5.11 -51.76
CA ASP D 138 -60.29 3.88 -51.57
C ASP D 138 -59.14 3.73 -52.54
N ARG D 139 -59.42 4.04 -53.80
CA ARG D 139 -58.42 3.96 -54.84
C ARG D 139 -57.26 4.92 -54.57
N GLN D 140 -57.58 6.13 -54.11
CA GLN D 140 -56.58 7.17 -53.82
C GLN D 140 -55.72 6.82 -52.61
N ARG D 141 -56.36 6.31 -51.58
CA ARG D 141 -55.62 5.85 -50.42
C ARG D 141 -54.53 4.86 -50.84
N ARG D 142 -54.87 3.91 -51.71
CA ARG D 142 -53.91 2.90 -52.10
C ARG D 142 -52.82 3.43 -53.02
N GLU D 143 -53.16 4.41 -53.85
CA GLU D 143 -52.15 5.07 -54.66
C GLU D 143 -51.16 5.77 -53.75
N ILE D 144 -51.66 6.63 -52.87
CA ILE D 144 -50.81 7.37 -51.95
C ILE D 144 -49.91 6.46 -51.14
N THR D 145 -50.46 5.32 -50.72
CA THR D 145 -49.70 4.43 -49.86
C THR D 145 -48.62 3.69 -50.64
N ASN D 146 -48.90 3.37 -51.89
CA ASN D 146 -47.87 2.82 -52.76
C ASN D 146 -46.72 3.79 -52.97
N SER D 147 -47.06 5.07 -53.24
CA SER D 147 -46.07 6.12 -53.42
C SER D 147 -45.09 6.24 -52.28
N LEU D 148 -45.60 6.42 -51.08
CA LEU D 148 -44.73 6.57 -49.91
C LEU D 148 -43.84 5.34 -49.74
N GLU D 149 -44.36 4.17 -50.10
CA GLU D 149 -43.57 2.95 -50.03
C GLU D 149 -42.39 3.03 -51.00
N ILE D 150 -42.68 3.36 -52.25
CA ILE D 150 -41.66 3.55 -53.26
C ILE D 150 -40.62 4.55 -52.75
N MSE D 151 -41.10 5.71 -52.31
CA MSE D 151 -40.23 6.76 -51.83
C MSE D 151 -39.31 6.26 -50.74
O MSE D 151 -38.11 6.51 -50.75
CB MSE D 151 -41.04 7.95 -51.31
CG MSE D 151 -41.91 8.56 -52.40
SE MSE D 151 -43.06 10.02 -51.80
CE MSE D 151 -43.77 10.47 -53.54
N PHE D 152 -39.88 5.54 -49.78
CA PHE D 152 -39.06 4.98 -48.71
C PHE D 152 -37.95 4.15 -49.31
N GLU D 153 -38.31 3.31 -50.28
CA GLU D 153 -37.36 2.42 -50.94
C GLU D 153 -36.36 3.21 -51.81
N ASN D 154 -36.80 4.36 -52.32
CA ASN D 154 -35.89 5.27 -53.02
C ASN D 154 -34.86 5.80 -52.04
N GLY D 155 -35.30 6.00 -50.80
CA GLY D 155 -34.44 6.53 -49.78
C GLY D 155 -33.30 5.60 -49.41
N LEU D 156 -33.53 4.29 -49.45
CA LEU D 156 -32.49 3.34 -49.06
C LEU D 156 -31.36 3.16 -50.09
N LYS D 157 -31.49 3.74 -51.27
CA LYS D 157 -30.41 3.69 -52.26
C LYS D 157 -29.16 4.44 -51.78
N ILE D 158 -29.30 5.22 -50.71
CA ILE D 158 -28.20 6.03 -50.23
C ILE D 158 -27.89 5.84 -48.75
N MSE D 159 -28.86 5.29 -48.01
CA MSE D 159 -28.67 5.01 -46.59
C MSE D 159 -27.61 3.93 -46.40
O MSE D 159 -26.43 4.14 -46.67
CB MSE D 159 -29.99 4.59 -45.94
CG MSE D 159 -31.14 5.58 -46.14
SE MSE D 159 -31.01 7.24 -45.08
CE MSE D 159 -30.64 6.36 -43.38
N ASP E 20 3.27 17.33 -0.58
CA ASP E 20 3.07 18.62 0.08
C ASP E 20 4.11 18.86 1.17
N LYS E 21 3.65 19.20 2.37
CA LYS E 21 4.55 19.47 3.48
C LYS E 21 5.25 18.21 3.98
N GLU E 22 4.63 17.05 3.80
CA GLU E 22 5.19 15.78 4.31
C GLU E 22 6.39 15.33 3.50
N PHE E 23 6.30 15.52 2.19
CA PHE E 23 7.33 15.09 1.26
C PHE E 23 8.68 15.75 1.52
N ILE E 24 8.68 17.02 1.92
CA ILE E 24 9.92 17.81 1.93
C ILE E 24 11.00 17.31 2.91
N GLY E 25 10.59 16.76 4.04
CA GLY E 25 11.53 16.17 4.98
C GLY E 25 12.13 14.91 4.38
N LYS E 26 11.33 14.21 3.58
CA LYS E 26 11.79 12.99 2.96
C LYS E 26 12.83 13.32 1.86
N ALA E 27 12.49 14.25 0.98
CA ALA E 27 13.40 14.64 -0.10
C ALA E 27 14.72 15.12 0.50
N ILE E 28 14.62 15.90 1.57
CA ILE E 28 15.82 16.33 2.28
C ILE E 28 16.60 15.16 2.89
N SER E 29 15.92 14.11 3.35
CA SER E 29 16.63 12.94 3.93
C SER E 29 17.43 12.23 2.86
N TYR E 30 16.80 12.04 1.71
CA TYR E 30 17.44 11.32 0.65
C TYR E 30 18.66 12.07 0.13
N LEU E 31 18.53 13.39 -0.10
CA LEU E 31 19.68 14.16 -0.59
C LEU E 31 20.78 14.11 0.44
N TYR E 32 20.40 14.23 1.70
CA TYR E 32 21.37 14.09 2.76
C TYR E 32 22.11 12.77 2.71
N ARG E 33 21.41 11.65 2.57
CA ARG E 33 22.08 10.35 2.64
C ARG E 33 22.94 10.11 1.41
N TYR E 34 22.43 10.53 0.25
CA TYR E 34 23.17 10.40 -0.98
C TYR E 34 24.43 11.24 -0.96
N GLY E 35 24.33 12.46 -0.46
CA GLY E 35 25.48 13.31 -0.29
C GLY E 35 26.54 12.67 0.59
N GLN E 36 26.10 11.98 1.65
CA GLN E 36 27.07 11.39 2.57
C GLN E 36 27.87 10.35 1.81
N ILE E 37 27.17 9.54 1.03
CA ILE E 37 27.85 8.51 0.26
C ILE E 37 28.83 9.14 -0.73
N TYR E 38 28.37 10.13 -1.45
CA TYR E 38 29.15 10.77 -2.49
C TYR E 38 30.37 11.47 -1.93
N ILE E 39 30.19 12.17 -0.81
CA ILE E 39 31.28 12.86 -0.18
C ILE E 39 32.24 11.86 0.47
N GLY E 40 31.68 10.80 1.06
CA GLY E 40 32.47 9.74 1.68
C GLY E 40 33.52 9.15 0.74
N LYS E 41 33.10 8.88 -0.49
CA LYS E 41 34.03 8.39 -1.50
C LYS E 41 35.12 9.41 -1.83
N LYS E 42 34.73 10.67 -2.01
CA LYS E 42 35.68 11.72 -2.33
C LYS E 42 36.75 11.96 -1.25
N ILE E 43 36.43 11.77 0.02
CA ILE E 43 37.38 12.12 1.08
C ILE E 43 38.10 10.93 1.67
N GLU E 44 37.65 9.72 1.31
CA GLU E 44 38.27 8.50 1.79
C GLU E 44 39.77 8.52 1.53
N PRO E 45 40.18 8.98 0.33
CA PRO E 45 41.61 9.03 0.01
C PRO E 45 42.40 9.91 0.99
N TYR E 46 41.74 10.48 1.99
CA TYR E 46 42.45 11.25 3.01
C TYR E 46 42.27 10.62 4.36
N GLY E 47 41.76 9.41 4.38
CA GLY E 47 41.52 8.69 5.62
C GLY E 47 40.50 9.41 6.47
N ILE E 48 39.57 10.10 5.83
CA ILE E 48 38.49 10.77 6.56
C ILE E 48 37.14 10.17 6.22
N GLY E 49 36.34 9.92 7.25
CA GLY E 49 35.00 9.39 7.05
C GLY E 49 33.91 10.46 7.09
N SER E 50 32.80 10.20 6.38
CA SER E 50 31.74 11.17 6.19
C SER E 50 31.14 11.69 7.50
N GLY E 51 31.15 10.86 8.53
CA GLY E 51 30.76 11.31 9.86
C GLY E 51 31.65 12.40 10.46
N GLN E 52 32.85 12.63 9.90
CA GLN E 52 33.77 13.64 10.44
C GLN E 52 33.76 14.92 9.60
N PHE E 53 33.37 14.77 8.34
CA PHE E 53 33.33 15.87 7.39
C PHE E 53 32.65 17.13 7.97
N PRO E 54 31.41 17.01 8.49
CA PRO E 54 30.69 18.19 8.99
C PRO E 54 31.42 18.87 10.14
N PHE E 55 32.16 18.09 10.92
CA PHE E 55 32.97 18.66 12.00
C PHE E 55 34.15 19.47 11.45
N LEU E 56 34.83 18.90 10.45
CA LEU E 56 35.93 19.58 9.82
C LEU E 56 35.42 20.89 9.20
N MSE E 57 34.28 20.80 8.51
CA MSE E 57 33.73 21.96 7.82
C MSE E 57 33.42 23.07 8.81
O MSE E 57 33.81 24.21 8.60
CB MSE E 57 32.51 21.59 6.97
CG MSE E 57 32.86 20.72 5.74
SE MSE E 57 34.27 21.44 4.53
CE MSE E 57 33.27 22.90 3.73
N ARG E 58 32.75 22.73 9.90
CA ARG E 58 32.45 23.73 10.94
C ARG E 58 33.72 24.43 11.43
N LEU E 59 34.77 23.68 11.71
CA LEU E 59 36.02 24.26 12.22
C LEU E 59 36.68 25.21 11.24
N TYR E 60 36.44 24.99 9.95
CA TYR E 60 37.06 25.84 8.95
C TYR E 60 36.43 27.23 9.00
N ARG E 61 35.13 27.26 9.33
CA ARG E 61 34.39 28.51 9.52
C ARG E 61 34.81 29.18 10.84
N GLU E 62 34.99 28.38 11.88
CA GLU E 62 35.61 28.91 13.07
C GLU E 62 36.33 27.84 13.90
N ASP E 63 37.63 28.04 13.96
CA ASP E 63 38.57 27.16 14.60
C ASP E 63 38.48 27.32 16.11
N GLY E 64 38.96 26.31 16.83
CA GLY E 64 39.14 26.41 18.27
C GLY E 64 37.89 26.58 19.09
N ILE E 65 36.83 25.88 18.74
CA ILE E 65 35.59 25.97 19.49
C ILE E 65 35.45 24.78 20.44
N ASN E 66 34.68 24.98 21.51
CA ASN E 66 34.49 23.94 22.50
C ASN E 66 33.83 22.69 21.90
N GLN E 67 34.32 21.51 22.27
CA GLN E 67 33.77 20.30 21.70
C GLN E 67 32.25 20.13 21.91
N GLU E 68 31.74 20.51 23.07
CA GLU E 68 30.31 20.35 23.27
C GLU E 68 29.50 21.46 22.60
N SER E 69 30.18 22.44 22.04
CA SER E 69 29.53 23.51 21.31
C SER E 69 29.31 23.03 19.89
N LEU E 70 30.20 22.15 19.47
CA LEU E 70 30.15 21.56 18.15
C LEU E 70 28.95 20.65 18.06
N SER E 71 28.80 19.77 19.04
CA SER E 71 27.64 18.88 19.10
C SER E 71 26.37 19.73 19.10
N ASP E 72 26.35 20.80 19.88
CA ASP E 72 25.17 21.65 19.95
C ASP E 72 24.84 22.35 18.64
N TYR E 73 25.87 22.82 17.93
CA TYR E 73 25.68 23.58 16.69
C TYR E 73 25.30 22.67 15.53
N LEU E 74 26.03 21.58 15.36
CA LEU E 74 25.76 20.66 14.27
C LEU E 74 24.54 19.79 14.54
N LYS E 75 24.06 19.78 15.79
CA LYS E 75 22.97 18.89 16.20
C LYS E 75 23.31 17.39 16.04
N ILE E 76 24.53 17.05 16.42
CA ILE E 76 24.99 15.67 16.46
C ILE E 76 25.29 15.39 17.92
N ASP E 77 24.84 14.25 18.41
CA ASP E 77 24.92 13.99 19.85
C ASP E 77 26.36 13.78 20.28
N LYS E 78 26.58 13.60 21.58
CA LYS E 78 27.91 13.60 22.16
C LYS E 78 28.71 12.34 21.85
N GLY E 79 28.06 11.19 21.86
CA GLY E 79 28.74 9.93 21.58
C GLY E 79 29.34 10.05 20.20
N THR E 80 28.47 10.30 19.24
CA THR E 80 28.86 10.50 17.86
C THR E 80 29.96 11.56 17.73
N THR E 81 29.73 12.72 18.32
CA THR E 81 30.68 13.82 18.21
C THR E 81 32.03 13.42 18.75
N ALA E 82 32.05 12.86 19.96
CA ALA E 82 33.27 12.45 20.60
C ALA E 82 34.01 11.47 19.69
N ARG E 83 33.29 10.51 19.12
CA ARG E 83 33.93 9.55 18.23
C ARG E 83 34.50 10.25 17.00
N ALA E 84 33.67 11.05 16.33
CA ALA E 84 34.09 11.75 15.13
C ALA E 84 35.33 12.60 15.39
N ILE E 85 35.31 13.38 16.46
CA ILE E 85 36.47 14.20 16.76
C ILE E 85 37.70 13.32 16.93
N GLN E 86 37.59 12.29 17.77
CA GLN E 86 38.75 11.46 18.07
C GLN E 86 39.47 11.04 16.79
N LYS E 87 38.72 10.53 15.82
CA LYS E 87 39.29 10.11 14.53
C LYS E 87 40.09 11.21 13.83
N LEU E 88 39.58 12.43 13.89
CA LEU E 88 40.25 13.58 13.31
C LEU E 88 41.57 13.85 13.99
N VAL E 89 41.62 13.61 15.30
CA VAL E 89 42.87 13.75 16.04
C VAL E 89 43.88 12.68 15.62
N ASP E 90 43.38 11.48 15.39
CA ASP E 90 44.22 10.35 14.99
C ASP E 90 44.71 10.52 13.56
N GLU E 91 43.83 11.01 12.70
CA GLU E 91 44.17 11.19 11.30
C GLU E 91 45.15 12.34 11.11
N GLY E 92 45.38 13.08 12.19
CA GLY E 92 46.33 14.19 12.23
C GLY E 92 45.81 15.58 11.85
N TYR E 93 44.49 15.77 11.80
CA TYR E 93 43.91 17.01 11.27
C TYR E 93 43.43 18.02 12.33
N VAL E 94 43.10 17.56 13.54
CA VAL E 94 42.85 18.50 14.64
C VAL E 94 43.50 18.08 15.94
N PHE E 95 43.38 18.95 16.94
CA PHE E 95 43.87 18.67 18.28
C PHE E 95 43.03 19.43 19.31
N ARG E 96 43.04 18.95 20.56
CA ARG E 96 42.24 19.58 21.61
C ARG E 96 43.07 20.17 22.76
N GLN E 97 42.44 21.03 23.56
CA GLN E 97 43.03 21.67 24.73
C GLN E 97 41.97 21.91 25.82
N ARG E 98 42.34 21.69 27.07
CA ARG E 98 41.38 21.84 28.18
C ARG E 98 40.98 23.29 28.41
N ARG E 104 36.46 18.94 32.79
CA ARG E 104 37.22 19.86 31.95
C ARG E 104 36.89 19.64 30.47
N SER E 105 36.26 20.65 29.87
CA SER E 105 35.94 20.61 28.46
C SER E 105 37.17 20.93 27.62
N TYR E 106 37.28 20.26 26.47
CA TYR E 106 38.40 20.48 25.57
C TYR E 106 37.95 21.26 24.35
N ARG E 107 38.67 22.34 24.03
CA ARG E 107 38.46 23.02 22.76
C ARG E 107 39.08 22.20 21.65
N VAL E 108 38.82 22.57 20.42
CA VAL E 108 39.30 21.78 19.30
C VAL E 108 39.86 22.66 18.23
N PHE E 109 41.10 22.40 17.83
CA PHE E 109 41.79 23.24 16.88
C PHE E 109 42.26 22.50 15.66
N LEU E 110 42.24 23.19 14.53
CA LEU E 110 42.86 22.71 13.31
C LEU E 110 44.38 22.62 13.51
N THR E 111 44.98 21.51 13.10
CA THR E 111 46.44 21.39 12.97
C THR E 111 46.83 21.99 11.64
N GLU E 112 48.11 22.27 11.44
CA GLU E 112 48.57 22.79 10.15
C GLU E 112 48.15 21.86 9.01
N LYS E 113 48.24 20.56 9.25
CA LYS E 113 47.90 19.56 8.27
C LYS E 113 46.41 19.65 7.94
N GLY E 114 45.62 19.95 8.96
CA GLY E 114 44.20 20.19 8.79
C GLY E 114 43.91 21.49 8.04
N LYS E 115 44.77 22.49 8.21
CA LYS E 115 44.59 23.77 7.55
C LYS E 115 44.95 23.67 6.08
N LYS E 116 45.87 22.77 5.75
CA LYS E 116 46.31 22.64 4.36
C LYS E 116 45.29 21.85 3.56
N LEU E 117 44.35 21.25 4.26
CA LEU E 117 43.39 20.38 3.61
C LEU E 117 42.22 21.18 3.10
N GLU E 118 42.04 22.36 3.67
CA GLU E 118 40.81 23.09 3.48
C GLU E 118 40.43 23.24 2.01
N PRO E 119 41.40 23.67 1.17
CA PRO E 119 40.99 23.86 -0.22
C PRO E 119 40.48 22.56 -0.83
N ASP E 120 41.07 21.44 -0.44
CA ASP E 120 40.56 20.16 -0.91
C ASP E 120 39.13 19.94 -0.46
N MSE E 121 38.85 20.22 0.80
CA MSE E 121 37.54 19.95 1.36
C MSE E 121 36.48 20.86 0.77
O MSE E 121 35.39 20.40 0.44
CB MSE E 121 37.59 20.05 2.88
CG MSE E 121 38.65 19.16 3.48
SE MSE E 121 38.08 17.30 3.38
CE MSE E 121 39.22 16.72 1.87
N LYS E 122 36.78 22.14 0.64
CA LYS E 122 35.85 23.10 0.06
C LYS E 122 35.51 22.68 -1.37
N LYS E 123 36.51 22.25 -2.11
CA LYS E 123 36.33 21.81 -3.47
C LYS E 123 35.38 20.61 -3.50
N ILE E 124 35.58 19.68 -2.58
CA ILE E 124 34.75 18.49 -2.59
C ILE E 124 33.31 18.83 -2.28
N ALA E 125 33.10 19.63 -1.24
CA ALA E 125 31.78 20.17 -0.96
C ALA E 125 31.16 20.85 -2.19
N SER E 126 31.89 21.74 -2.84
CA SER E 126 31.39 22.38 -4.07
C SER E 126 30.97 21.38 -5.14
N GLU E 127 31.62 20.23 -5.19
CA GLU E 127 31.34 19.26 -6.25
C GLU E 127 29.97 18.63 -6.12
N TRP E 128 29.60 18.29 -4.89
CA TRP E 128 28.28 17.74 -4.63
C TRP E 128 27.24 18.74 -5.13
N GLY E 129 27.48 20.00 -4.79
CA GLY E 129 26.60 21.11 -5.17
C GLY E 129 26.44 21.20 -6.68
N GLU E 130 27.53 20.94 -7.41
CA GLU E 130 27.48 21.04 -8.86
C GLU E 130 26.73 19.87 -9.48
N ILE E 131 26.90 18.67 -8.94
CA ILE E 131 26.04 17.56 -9.33
C ILE E 131 24.56 17.97 -9.16
N LEU E 132 24.20 18.46 -7.98
CA LEU E 132 22.79 18.80 -7.71
C LEU E 132 22.29 19.84 -8.67
N PHE E 133 23.13 20.82 -8.99
CA PHE E 133 22.71 21.95 -9.83
C PHE E 133 22.81 21.77 -11.32
N SER E 134 23.51 20.72 -11.78
CA SER E 134 23.89 20.60 -13.18
C SER E 134 22.79 21.00 -14.16
N SER E 135 21.55 20.60 -13.90
CA SER E 135 20.48 20.83 -14.87
C SER E 135 19.88 22.23 -14.84
N PHE E 136 20.28 23.05 -13.87
CA PHE E 136 19.65 24.35 -13.70
C PHE E 136 20.46 25.48 -14.33
N ASP E 137 19.77 26.44 -14.94
CA ASP E 137 20.42 27.69 -15.36
C ASP E 137 20.68 28.60 -14.16
N ASP E 138 21.45 29.66 -14.37
CA ASP E 138 21.86 30.53 -13.26
C ASP E 138 20.69 31.05 -12.42
N ARG E 139 19.68 31.58 -13.10
CA ARG E 139 18.52 32.11 -12.43
C ARG E 139 17.86 31.06 -11.53
N GLN E 140 17.74 29.84 -12.04
CA GLN E 140 17.18 28.73 -11.25
C GLN E 140 18.04 28.40 -10.03
N ARG E 141 19.36 28.42 -10.21
CA ARG E 141 20.29 28.23 -9.09
C ARG E 141 20.09 29.28 -7.96
N ARG E 142 19.94 30.55 -8.31
CA ARG E 142 19.72 31.58 -7.28
C ARG E 142 18.40 31.39 -6.55
N GLU E 143 17.36 31.10 -7.31
CA GLU E 143 16.06 30.83 -6.76
C GLU E 143 16.09 29.76 -5.67
N ILE E 144 16.66 28.62 -6.01
CA ILE E 144 16.76 27.49 -5.09
C ILE E 144 17.60 27.88 -3.89
N THR E 145 18.76 28.47 -4.16
CA THR E 145 19.66 28.91 -3.10
C THR E 145 18.95 29.82 -2.10
N ASN E 146 18.19 30.80 -2.60
CA ASN E 146 17.48 31.73 -1.74
C ASN E 146 16.44 31.01 -0.92
N SER E 147 15.74 30.07 -1.57
CA SER E 147 14.68 29.34 -0.89
C SER E 147 15.27 28.50 0.23
N LEU E 148 16.32 27.76 -0.10
CA LEU E 148 16.97 26.90 0.88
C LEU E 148 17.39 27.68 2.11
N GLU E 149 17.84 28.91 1.90
CA GLU E 149 18.43 29.65 3.00
C GLU E 149 17.35 30.18 3.92
N ILE E 150 16.20 30.53 3.34
CA ILE E 150 15.02 30.88 4.11
C ILE E 150 14.57 29.68 4.96
N MSE E 151 14.53 28.51 4.35
CA MSE E 151 14.19 27.27 5.04
C MSE E 151 15.20 27.00 6.15
O MSE E 151 14.86 26.54 7.24
CB MSE E 151 14.22 26.10 4.07
CG MSE E 151 13.03 26.09 3.12
SE MSE E 151 13.25 24.86 1.59
CE MSE E 151 13.17 23.16 2.51
N PHE E 152 16.46 27.29 5.85
CA PHE E 152 17.52 27.03 6.77
C PHE E 152 17.28 27.88 8.02
N GLU E 153 17.03 29.18 7.81
CA GLU E 153 16.72 30.08 8.94
C GLU E 153 15.49 29.59 9.70
N ASN E 154 14.43 29.22 9.00
CA ASN E 154 13.22 28.70 9.64
C ASN E 154 13.46 27.50 10.60
N GLY E 155 14.24 26.53 10.14
CA GLY E 155 14.55 25.36 10.93
C GLY E 155 15.38 25.74 12.14
N LEU E 156 16.33 26.64 11.90
CA LEU E 156 17.19 27.13 12.96
C LEU E 156 16.40 27.80 14.09
N LYS E 157 15.41 28.63 13.74
CA LYS E 157 14.63 29.33 14.76
C LYS E 157 13.97 28.37 15.74
N ILE E 158 13.44 27.26 15.22
CA ILE E 158 12.66 26.33 16.04
C ILE E 158 13.56 25.49 16.96
N MSE E 159 14.84 25.38 16.60
CA MSE E 159 15.83 24.68 17.42
C MSE E 159 15.99 25.32 18.80
O MSE E 159 15.13 25.16 19.67
CB MSE E 159 17.20 24.65 16.71
CG MSE E 159 17.29 23.70 15.52
SE MSE E 159 16.88 21.86 16.02
CE MSE E 159 14.95 21.89 15.67
N LEU F 18 30.88 28.28 -6.83
CA LEU F 18 31.41 29.20 -5.84
C LEU F 18 30.88 28.83 -4.46
N CYS F 19 30.28 29.81 -3.80
CA CYS F 19 29.65 29.61 -2.52
C CYS F 19 28.25 28.95 -2.64
N ASP F 20 27.51 29.25 -3.70
CA ASP F 20 26.21 28.60 -3.89
C ASP F 20 26.32 27.07 -3.82
N LYS F 21 27.25 26.50 -4.59
CA LYS F 21 27.43 25.07 -4.61
C LYS F 21 27.77 24.50 -3.23
N GLU F 22 28.54 25.22 -2.42
CA GLU F 22 28.89 24.74 -1.09
C GLU F 22 27.71 24.84 -0.14
N PHE F 23 27.05 25.98 -0.18
CA PHE F 23 25.98 26.23 0.75
C PHE F 23 24.84 25.21 0.60
N ILE F 24 24.54 24.80 -0.63
CA ILE F 24 23.45 23.85 -0.91
C ILE F 24 23.55 22.62 -0.01
N GLY F 25 24.70 21.96 -0.06
CA GLY F 25 24.96 20.78 0.73
C GLY F 25 25.01 21.05 2.22
N LYS F 26 25.52 22.21 2.60
CA LYS F 26 25.50 22.58 3.99
C LYS F 26 24.03 22.73 4.46
N ALA F 27 23.21 23.43 3.68
CA ALA F 27 21.82 23.64 4.08
C ALA F 27 21.07 22.32 4.24
N ILE F 28 21.32 21.42 3.29
CA ILE F 28 20.65 20.14 3.26
C ILE F 28 20.99 19.29 4.51
N SER F 29 22.28 19.29 4.86
CA SER F 29 22.78 18.64 6.07
C SER F 29 22.21 19.14 7.37
N TYR F 30 22.15 20.47 7.51
CA TYR F 30 21.59 21.05 8.72
C TYR F 30 20.09 20.83 8.78
N LEU F 31 19.41 21.05 7.66
CA LEU F 31 17.97 20.80 7.64
C LEU F 31 17.70 19.35 8.04
N TYR F 32 18.42 18.39 7.46
CA TYR F 32 18.29 17.00 7.89
C TYR F 32 18.46 16.82 9.38
N ARG F 33 19.55 17.35 9.93
CA ARG F 33 19.83 17.16 11.34
C ARG F 33 18.87 17.87 12.27
N TYR F 34 18.49 19.10 11.91
CA TYR F 34 17.42 19.83 12.61
C TYR F 34 16.13 19.04 12.56
N GLY F 35 15.87 18.38 11.44
CA GLY F 35 14.64 17.64 11.25
C GLY F 35 14.62 16.44 12.18
N GLN F 36 15.75 15.75 12.30
CA GLN F 36 15.81 14.60 13.19
C GLN F 36 15.57 15.01 14.65
N ILE F 37 16.07 16.19 15.00
CA ILE F 37 15.89 16.69 16.36
C ILE F 37 14.42 16.94 16.62
N TYR F 38 13.80 17.69 15.73
CA TYR F 38 12.45 18.15 15.89
C TYR F 38 11.42 17.01 15.82
N ILE F 39 11.43 16.29 14.71
CA ILE F 39 10.65 15.08 14.62
C ILE F 39 10.89 14.15 15.83
N GLY F 40 12.12 14.07 16.28
CA GLY F 40 12.46 13.26 17.44
C GLY F 40 11.74 13.61 18.73
N LYS F 41 11.72 14.89 19.06
CA LYS F 41 11.01 15.38 20.23
C LYS F 41 9.55 15.06 20.09
N LYS F 42 9.05 15.19 18.86
CA LYS F 42 7.63 15.01 18.65
C LYS F 42 7.16 13.57 18.64
N ILE F 43 8.03 12.61 18.33
CA ILE F 43 7.59 11.20 18.36
C ILE F 43 8.03 10.39 19.58
N GLU F 44 8.92 10.96 20.38
CA GLU F 44 9.29 10.35 21.64
C GLU F 44 8.10 9.95 22.54
N PRO F 45 7.05 10.79 22.60
CA PRO F 45 5.96 10.37 23.50
C PRO F 45 5.36 9.05 23.02
N TYR F 46 5.58 8.73 21.74
CA TYR F 46 5.10 7.50 21.16
C TYR F 46 6.06 6.31 21.33
N GLY F 47 7.20 6.55 21.98
CA GLY F 47 8.13 5.49 22.32
C GLY F 47 9.01 5.13 21.14
N ILE F 48 9.00 6.00 20.13
CA ILE F 48 9.72 5.77 18.89
C ILE F 48 10.77 6.87 18.74
N GLY F 49 11.95 6.52 18.27
CA GLY F 49 12.98 7.51 18.03
C GLY F 49 12.98 7.98 16.60
N SER F 50 13.76 9.01 16.30
CA SER F 50 13.90 9.48 14.93
C SER F 50 14.44 8.40 13.99
N GLY F 51 15.27 7.50 14.52
CA GLY F 51 15.79 6.39 13.74
C GLY F 51 14.73 5.49 13.11
N GLN F 52 13.61 5.28 13.78
CA GLN F 52 12.63 4.35 13.26
C GLN F 52 11.65 5.03 12.34
N PHE F 53 11.66 6.35 12.37
CA PHE F 53 10.65 7.13 11.68
C PHE F 53 10.60 6.89 10.14
N PRO F 54 11.74 7.01 9.44
CA PRO F 54 11.72 6.79 7.99
C PRO F 54 11.10 5.45 7.59
N PHE F 55 11.41 4.41 8.37
CA PHE F 55 10.86 3.06 8.15
C PHE F 55 9.34 3.05 8.27
N LEU F 56 8.83 3.57 9.39
CA LEU F 56 7.41 3.62 9.62
C LEU F 56 6.73 4.41 8.50
N MSE F 57 7.32 5.53 8.12
CA MSE F 57 6.79 6.28 6.99
C MSE F 57 6.80 5.45 5.71
O MSE F 57 5.82 5.41 4.95
CB MSE F 57 7.54 7.60 6.79
CG MSE F 57 7.35 8.61 7.95
SE MSE F 57 5.46 9.07 8.31
CE MSE F 57 5.13 10.24 6.81
N ARG F 58 7.91 4.76 5.44
CA ARG F 58 7.97 4.01 4.21
C ARG F 58 6.82 3.00 4.23
N LEU F 59 6.56 2.40 5.39
CA LEU F 59 5.59 1.31 5.51
C LEU F 59 4.15 1.78 5.34
N TYR F 60 3.91 3.08 5.57
CA TYR F 60 2.55 3.61 5.45
C TYR F 60 2.23 3.77 3.97
N ARG F 61 3.26 3.91 3.15
CA ARG F 61 3.08 3.99 1.70
C ARG F 61 2.77 2.60 1.15
N GLU F 62 3.41 1.59 1.72
CA GLU F 62 3.19 0.21 1.30
C GLU F 62 3.90 -0.74 2.26
N ASP F 63 3.14 -1.53 3.00
CA ASP F 63 3.78 -2.40 3.98
C ASP F 63 3.85 -3.79 3.43
N GLY F 64 4.23 -4.76 4.27
CA GLY F 64 4.46 -6.11 3.82
C GLY F 64 5.72 -6.14 2.97
N ILE F 65 6.70 -5.32 3.35
CA ILE F 65 7.91 -5.23 2.56
C ILE F 65 9.10 -5.93 3.22
N ASN F 66 9.98 -6.48 2.39
CA ASN F 66 11.14 -7.20 2.88
C ASN F 66 12.14 -6.32 3.61
N GLN F 67 12.55 -6.76 4.78
CA GLN F 67 13.39 -5.92 5.62
C GLN F 67 14.67 -5.49 4.90
N GLU F 68 15.29 -6.40 4.18
CA GLU F 68 16.49 -6.03 3.46
C GLU F 68 16.21 -5.06 2.32
N SER F 69 15.01 -5.10 1.73
CA SER F 69 14.64 -4.14 0.69
C SER F 69 14.52 -2.74 1.25
N LEU F 70 13.82 -2.64 2.39
CA LEU F 70 13.70 -1.42 3.17
C LEU F 70 15.06 -0.77 3.39
N SER F 71 16.04 -1.59 3.74
CA SER F 71 17.39 -1.11 3.93
C SER F 71 17.91 -0.53 2.63
N ASP F 72 17.65 -1.19 1.52
CA ASP F 72 18.10 -0.71 0.20
C ASP F 72 17.34 0.54 -0.28
N TYR F 73 16.03 0.57 -0.08
CA TYR F 73 15.18 1.68 -0.46
C TYR F 73 15.54 2.96 0.29
N LEU F 74 15.64 2.81 1.61
CA LEU F 74 15.93 3.92 2.49
C LEU F 74 17.41 4.28 2.55
N LYS F 75 18.25 3.41 2.01
CA LYS F 75 19.69 3.66 1.99
C LYS F 75 20.20 3.83 3.44
N ILE F 76 19.68 2.98 4.31
CA ILE F 76 20.16 2.87 5.69
C ILE F 76 20.74 1.46 5.79
N ASP F 77 21.81 1.28 6.54
CA ASP F 77 22.48 -0.03 6.50
C ASP F 77 21.72 -1.18 7.20
N LYS F 78 22.13 -2.41 6.87
CA LYS F 78 21.49 -3.61 7.37
C LYS F 78 21.36 -3.64 8.89
N GLY F 79 22.45 -3.44 9.61
CA GLY F 79 22.39 -3.44 11.06
C GLY F 79 21.48 -2.36 11.65
N THR F 80 21.71 -1.12 11.25
CA THR F 80 20.85 -0.01 11.64
C THR F 80 19.37 -0.34 11.35
N THR F 81 19.13 -0.94 10.19
CA THR F 81 17.77 -1.24 9.75
C THR F 81 17.13 -2.28 10.66
N ALA F 82 17.83 -3.38 10.87
CA ALA F 82 17.35 -4.47 11.70
C ALA F 82 17.02 -3.95 13.07
N ARG F 83 17.93 -3.16 13.64
CA ARG F 83 17.73 -2.67 15.02
C ARG F 83 16.55 -1.73 15.08
N ALA F 84 16.41 -0.89 14.06
CA ALA F 84 15.26 -0.01 13.97
C ALA F 84 13.97 -0.80 13.87
N ILE F 85 13.98 -1.88 13.08
CA ILE F 85 12.76 -2.66 12.98
C ILE F 85 12.49 -3.42 14.24
N GLN F 86 13.56 -3.90 14.87
CA GLN F 86 13.40 -4.58 16.15
C GLN F 86 12.74 -3.68 17.21
N LYS F 87 13.06 -2.39 17.18
CA LYS F 87 12.42 -1.39 18.05
C LYS F 87 10.92 -1.19 17.76
N LEU F 88 10.55 -1.03 16.48
CA LEU F 88 9.15 -0.97 16.08
C LEU F 88 8.39 -2.22 16.49
N VAL F 89 9.04 -3.39 16.37
CA VAL F 89 8.47 -4.65 16.84
C VAL F 89 8.23 -4.67 18.37
N ASP F 90 9.26 -4.32 19.16
CA ASP F 90 9.15 -4.23 20.62
C ASP F 90 8.01 -3.30 21.01
N GLU F 91 7.92 -2.18 20.31
CA GLU F 91 6.92 -1.17 20.63
C GLU F 91 5.54 -1.49 20.03
N GLY F 92 5.40 -2.64 19.36
CA GLY F 92 4.12 -3.07 18.82
C GLY F 92 3.61 -2.43 17.53
N TYR F 93 4.44 -1.63 16.85
CA TYR F 93 4.03 -0.95 15.60
C TYR F 93 4.05 -1.83 14.35
N VAL F 94 4.99 -2.78 14.31
CA VAL F 94 5.10 -3.72 13.20
C VAL F 94 5.27 -5.15 13.68
N PHE F 95 5.00 -6.09 12.77
CA PHE F 95 5.37 -7.49 12.99
C PHE F 95 6.18 -8.02 11.82
N ARG F 96 7.09 -8.93 12.10
CA ARG F 96 7.92 -9.55 11.08
C ARG F 96 7.34 -10.90 10.73
N GLN F 97 7.57 -11.36 9.50
CA GLN F 97 7.06 -12.66 9.08
C GLN F 97 7.70 -13.11 7.79
N ARG F 98 8.25 -14.32 7.77
CA ARG F 98 8.91 -14.85 6.58
C ARG F 98 7.93 -15.21 5.49
N ASP F 99 8.32 -14.91 4.27
CA ASP F 99 7.57 -15.29 3.08
C ASP F 99 8.40 -16.33 2.29
N GLU F 100 7.79 -17.46 1.93
CA GLU F 100 8.55 -18.53 1.28
C GLU F 100 9.11 -18.08 -0.07
N LYS F 101 8.51 -17.05 -0.64
CA LYS F 101 8.94 -16.54 -1.94
C LYS F 101 10.24 -15.77 -1.79
N ASP F 102 10.65 -15.54 -0.54
CA ASP F 102 11.82 -14.72 -0.26
C ASP F 102 13.05 -15.53 0.09
N ARG F 103 14.14 -15.28 -0.65
CA ARG F 103 15.40 -15.97 -0.45
C ARG F 103 16.06 -15.65 0.90
N ARG F 104 15.85 -14.45 1.41
CA ARG F 104 16.50 -13.95 2.64
C ARG F 104 15.55 -13.09 3.51
N SER F 105 15.69 -13.15 4.83
CA SER F 105 15.07 -12.16 5.73
C SER F 105 13.53 -12.25 5.92
N TYR F 106 12.92 -11.18 6.44
CA TYR F 106 11.48 -11.16 6.77
C TYR F 106 10.75 -10.05 6.06
N ARG F 107 9.45 -10.22 5.86
CA ARG F 107 8.63 -9.10 5.39
C ARG F 107 8.04 -8.46 6.60
N VAL F 108 7.95 -7.13 6.60
CA VAL F 108 7.48 -6.43 7.79
C VAL F 108 6.14 -5.74 7.53
N PHE F 109 5.25 -5.87 8.50
CA PHE F 109 3.86 -5.42 8.36
C PHE F 109 3.45 -4.52 9.51
N LEU F 110 2.50 -3.63 9.24
CA LEU F 110 1.98 -2.79 10.30
C LEU F 110 1.01 -3.65 11.12
N THR F 111 1.04 -3.47 12.45
CA THR F 111 -0.04 -3.94 13.30
C THR F 111 -1.20 -2.94 13.27
N GLU F 112 -2.28 -3.22 13.97
CA GLU F 112 -3.32 -2.22 14.07
C GLU F 112 -2.89 -1.00 14.89
N LYS F 113 -2.05 -1.22 15.91
CA LYS F 113 -1.46 -0.12 16.67
C LYS F 113 -0.65 0.80 15.71
N GLY F 114 0.16 0.18 14.87
CA GLY F 114 0.89 0.91 13.85
C GLY F 114 0.02 1.71 12.90
N LYS F 115 -1.11 1.13 12.48
CA LYS F 115 -1.95 1.78 11.48
C LYS F 115 -2.70 2.93 12.11
N LYS F 116 -3.07 2.74 13.37
CA LYS F 116 -3.84 3.74 14.09
C LYS F 116 -3.02 5.01 14.31
N LEU F 117 -1.70 4.86 14.42
CA LEU F 117 -0.84 6.02 14.61
C LEU F 117 -0.55 6.78 13.33
N GLU F 118 -0.93 6.24 12.17
CA GLU F 118 -0.60 6.92 10.93
C GLU F 118 -0.95 8.43 10.96
N PRO F 119 -2.21 8.78 11.29
CA PRO F 119 -2.59 10.19 11.31
C PRO F 119 -1.67 11.07 12.18
N ASP F 120 -1.21 10.53 13.30
CA ASP F 120 -0.27 11.22 14.17
C ASP F 120 1.09 11.40 13.53
N MSE F 121 1.61 10.31 12.98
CA MSE F 121 2.89 10.36 12.30
C MSE F 121 2.87 11.40 11.15
O MSE F 121 3.71 12.28 11.09
CB MSE F 121 3.31 8.97 11.83
CG MSE F 121 3.45 7.96 13.01
SE MSE F 121 4.81 8.51 14.39
CE MSE F 121 4.24 7.32 15.82
N LYS F 122 1.88 11.33 10.27
CA LYS F 122 1.85 12.28 9.16
C LYS F 122 1.73 13.73 9.68
N LYS F 123 0.90 13.92 10.69
CA LYS F 123 0.70 15.24 11.25
C LYS F 123 2.06 15.81 11.65
N ILE F 124 2.86 14.99 12.29
CA ILE F 124 4.19 15.42 12.69
C ILE F 124 5.09 15.76 11.48
N ALA F 125 5.10 14.87 10.47
CA ALA F 125 5.84 15.17 9.25
C ALA F 125 5.41 16.51 8.62
N SER F 126 4.10 16.75 8.51
CA SER F 126 3.55 18.01 7.99
C SER F 126 3.97 19.22 8.79
N GLU F 127 4.00 19.10 10.11
CA GLU F 127 4.40 20.21 10.97
C GLU F 127 5.83 20.64 10.68
N TRP F 128 6.73 19.68 10.54
CA TRP F 128 8.09 20.01 10.15
C TRP F 128 8.11 20.76 8.82
N GLY F 129 7.32 20.28 7.85
CA GLY F 129 7.21 20.96 6.57
C GLY F 129 6.69 22.40 6.69
N GLU F 130 5.67 22.59 7.51
CA GLU F 130 5.08 23.90 7.67
C GLU F 130 6.11 24.84 8.24
N ILE F 131 6.90 24.35 9.18
CA ILE F 131 7.96 25.16 9.73
C ILE F 131 8.90 25.58 8.61
N LEU F 132 9.30 24.63 7.77
CA LEU F 132 10.24 24.96 6.68
C LEU F 132 9.62 25.88 5.63
N PHE F 133 8.33 25.67 5.35
CA PHE F 133 7.67 26.40 4.27
C PHE F 133 6.91 27.65 4.67
N SER F 134 7.02 28.07 5.94
CA SER F 134 6.10 29.08 6.49
C SER F 134 6.00 30.43 5.73
N SER F 135 7.11 30.94 5.19
CA SER F 135 7.09 32.20 4.45
C SER F 135 6.81 32.09 2.92
N PHE F 136 6.62 30.87 2.41
CA PHE F 136 6.50 30.63 0.97
C PHE F 136 5.03 30.49 0.61
N ASP F 137 4.64 31.03 -0.54
CA ASP F 137 3.28 30.77 -1.04
C ASP F 137 3.14 29.41 -1.72
N ASP F 138 1.93 29.07 -2.15
CA ASP F 138 1.70 27.77 -2.76
C ASP F 138 2.61 27.53 -3.96
N ARG F 139 2.81 28.57 -4.76
CA ARG F 139 3.65 28.45 -5.95
C ARG F 139 5.09 28.16 -5.60
N GLN F 140 5.61 28.80 -4.54
CA GLN F 140 6.99 28.61 -4.13
C GLN F 140 7.22 27.26 -3.43
N ARG F 141 6.21 26.75 -2.74
CA ARG F 141 6.26 25.40 -2.16
C ARG F 141 6.40 24.34 -3.24
N ARG F 142 5.60 24.47 -4.30
CA ARG F 142 5.65 23.51 -5.39
C ARG F 142 6.99 23.61 -6.15
N GLU F 143 7.41 24.85 -6.42
CA GLU F 143 8.67 25.14 -7.12
C GLU F 143 9.93 24.50 -6.49
N ILE F 144 10.12 24.63 -5.18
CA ILE F 144 11.30 24.02 -4.59
C ILE F 144 11.09 22.56 -4.26
N THR F 145 9.84 22.14 -4.18
CA THR F 145 9.56 20.72 -4.06
C THR F 145 10.09 20.04 -5.33
N ASN F 146 9.63 20.51 -6.49
CA ASN F 146 10.15 20.06 -7.78
C ASN F 146 11.67 20.26 -7.96
N SER F 147 12.19 21.40 -7.54
CA SER F 147 13.63 21.62 -7.64
C SER F 147 14.34 20.53 -6.84
N LEU F 148 13.90 20.33 -5.61
CA LEU F 148 14.57 19.37 -4.73
C LEU F 148 14.52 17.98 -5.34
N GLU F 149 13.42 17.65 -5.99
CA GLU F 149 13.27 16.30 -6.52
C GLU F 149 14.22 16.14 -7.71
N ILE F 150 14.23 17.13 -8.61
CA ILE F 150 15.15 17.18 -9.74
C ILE F 150 16.62 17.09 -9.32
N MSE F 151 16.96 17.76 -8.22
CA MSE F 151 18.30 17.66 -7.69
C MSE F 151 18.57 16.22 -7.26
O MSE F 151 19.71 15.73 -7.36
CB MSE F 151 18.47 18.62 -6.51
CG MSE F 151 18.35 20.07 -6.91
SE MSE F 151 18.04 21.27 -5.40
CE MSE F 151 19.69 20.98 -4.45
N PHE F 152 17.54 15.54 -6.78
CA PHE F 152 17.74 14.16 -6.36
C PHE F 152 18.06 13.30 -7.57
N GLU F 153 17.32 13.51 -8.66
CA GLU F 153 17.56 12.78 -9.89
C GLU F 153 18.92 13.11 -10.47
N ASN F 154 19.41 14.33 -10.26
CA ASN F 154 20.78 14.68 -10.67
C ASN F 154 21.81 13.89 -9.90
N GLY F 155 21.61 13.76 -8.58
CA GLY F 155 22.49 12.94 -7.78
C GLY F 155 22.53 11.47 -8.24
N LEU F 156 21.38 10.95 -8.70
CA LEU F 156 21.28 9.55 -9.10
C LEU F 156 22.13 9.27 -10.34
N LYS F 157 22.27 10.27 -11.20
CA LYS F 157 23.13 10.17 -12.38
C LYS F 157 24.51 9.63 -12.05
N ILE F 158 25.11 10.09 -10.96
CA ILE F 158 26.51 9.71 -10.71
C ILE F 158 26.69 8.62 -9.68
N MSE F 159 25.62 8.23 -9.00
CA MSE F 159 25.69 7.13 -8.04
C MSE F 159 25.85 5.80 -8.79
O MSE F 159 26.07 5.76 -10.01
CB MSE F 159 24.47 7.08 -7.13
CG MSE F 159 24.20 8.37 -6.36
SE MSE F 159 25.48 8.74 -4.91
CE MSE F 159 25.18 7.10 -3.92
N ASP G 20 46.29 5.48 24.19
CA ASP G 20 44.97 4.92 24.53
C ASP G 20 45.12 3.85 25.62
N LYS G 21 44.24 3.89 26.61
CA LYS G 21 44.30 2.94 27.72
C LYS G 21 43.37 1.74 27.55
N GLU G 22 42.67 1.68 26.41
CA GLU G 22 41.86 0.53 26.05
C GLU G 22 42.68 -0.42 25.19
N PHE G 23 43.37 0.15 24.20
CA PHE G 23 44.16 -0.61 23.24
C PHE G 23 45.24 -1.53 23.83
N ILE G 24 45.76 -1.19 25.01
CA ILE G 24 46.82 -1.98 25.64
C ILE G 24 46.39 -3.44 25.83
N GLY G 25 45.26 -3.62 26.52
CA GLY G 25 44.69 -4.93 26.76
C GLY G 25 44.49 -5.71 25.48
N LYS G 26 44.19 -4.99 24.40
CA LYS G 26 43.99 -5.60 23.09
C LYS G 26 45.31 -6.10 22.48
N ALA G 27 46.35 -5.28 22.55
CA ALA G 27 47.66 -5.67 22.03
C ALA G 27 48.17 -6.94 22.69
N ILE G 28 48.24 -6.89 24.02
CA ILE G 28 48.68 -8.03 24.82
C ILE G 28 47.91 -9.30 24.42
N SER G 29 46.59 -9.17 24.30
CA SER G 29 45.74 -10.29 23.95
C SER G 29 46.00 -10.81 22.54
N TYR G 30 46.26 -9.91 21.59
CA TYR G 30 46.59 -10.34 20.23
C TYR G 30 47.98 -11.00 20.14
N LEU G 31 48.99 -10.33 20.68
CA LEU G 31 50.33 -10.89 20.74
C LEU G 31 50.33 -12.29 21.33
N TYR G 32 49.64 -12.44 22.46
CA TYR G 32 49.53 -13.73 23.10
C TYR G 32 48.98 -14.75 22.12
N ARG G 33 47.85 -14.43 21.48
CA ARG G 33 47.21 -15.36 20.55
C ARG G 33 48.16 -15.77 19.42
N TYR G 34 48.84 -14.79 18.84
CA TYR G 34 49.89 -15.04 17.84
C TYR G 34 50.97 -15.98 18.36
N GLY G 35 51.59 -15.62 19.48
CA GLY G 35 52.57 -16.46 20.14
C GLY G 35 52.17 -17.92 20.32
N GLN G 36 50.91 -18.17 20.70
CA GLN G 36 50.46 -19.55 20.88
C GLN G 36 50.48 -20.26 19.54
N ILE G 37 49.90 -19.60 18.54
CA ILE G 37 49.91 -20.12 17.18
C ILE G 37 51.32 -20.41 16.70
N TYR G 38 52.26 -19.51 17.01
CA TYR G 38 53.66 -19.65 16.58
C TYR G 38 54.41 -20.78 17.28
N ILE G 39 54.44 -20.73 18.61
CA ILE G 39 55.09 -21.75 19.43
C ILE G 39 54.49 -23.14 19.18
N GLY G 40 53.18 -23.17 18.91
CA GLY G 40 52.49 -24.43 18.71
C GLY G 40 53.04 -25.20 17.53
N LYS G 41 53.30 -24.50 16.42
CA LYS G 41 53.76 -25.16 15.20
C LYS G 41 55.25 -25.53 15.29
N LYS G 42 55.97 -24.86 16.20
CA LYS G 42 57.38 -25.14 16.41
C LYS G 42 57.62 -26.29 17.38
N ILE G 43 56.59 -26.67 18.14
CA ILE G 43 56.74 -27.68 19.18
C ILE G 43 55.87 -28.90 18.94
N GLU G 44 55.09 -28.88 17.87
CA GLU G 44 54.25 -30.02 17.53
C GLU G 44 55.10 -31.20 17.08
N PRO G 45 56.26 -30.92 16.45
CA PRO G 45 57.18 -32.02 16.16
C PRO G 45 57.45 -32.85 17.41
N TYR G 46 57.42 -32.22 18.58
CA TYR G 46 57.72 -32.90 19.83
C TYR G 46 56.48 -33.51 20.46
N GLY G 47 55.36 -33.50 19.77
CA GLY G 47 54.12 -34.05 20.30
C GLY G 47 53.48 -33.14 21.34
N ILE G 48 54.13 -32.03 21.64
CA ILE G 48 53.64 -31.12 22.66
C ILE G 48 52.63 -30.17 22.07
N GLY G 49 51.64 -29.81 22.90
CA GLY G 49 50.60 -28.86 22.54
C GLY G 49 50.77 -27.55 23.29
N SER G 50 50.25 -26.48 22.71
CA SER G 50 50.61 -25.13 23.14
C SER G 50 50.14 -24.73 24.54
N GLY G 51 49.07 -25.36 25.02
CA GLY G 51 48.56 -25.10 26.37
C GLY G 51 49.37 -25.86 27.40
N GLN G 52 50.32 -26.65 26.90
CA GLN G 52 51.19 -27.45 27.75
C GLN G 52 52.49 -26.72 27.93
N PHE G 53 52.81 -25.91 26.92
CA PHE G 53 54.05 -25.15 26.90
C PHE G 53 54.30 -24.33 28.17
N PRO G 54 53.29 -23.58 28.63
CA PRO G 54 53.58 -22.64 29.72
C PRO G 54 53.98 -23.39 30.99
N PHE G 55 53.44 -24.61 31.15
CA PHE G 55 53.72 -25.49 32.29
C PHE G 55 55.15 -25.99 32.28
N LEU G 56 55.52 -26.60 31.17
CA LEU G 56 56.88 -27.06 30.95
C LEU G 56 57.86 -25.94 31.25
N MSE G 57 57.54 -24.75 30.75
CA MSE G 57 58.38 -23.56 30.94
C MSE G 57 58.61 -23.21 32.39
O MSE G 57 59.74 -22.93 32.79
CB MSE G 57 57.80 -22.37 30.18
CG MSE G 57 58.16 -22.34 28.71
SE MSE G 57 60.11 -22.36 28.43
CE MSE G 57 60.64 -20.93 29.65
N ARG G 58 57.54 -23.21 33.19
CA ARG G 58 57.68 -22.98 34.61
C ARG G 58 58.41 -24.14 35.28
N LEU G 59 58.10 -25.36 34.87
CA LEU G 59 58.79 -26.53 35.40
C LEU G 59 60.30 -26.39 35.24
N TYR G 60 60.73 -25.61 34.26
CA TYR G 60 62.16 -25.42 34.04
C TYR G 60 62.77 -24.47 35.07
N ARG G 61 62.06 -23.40 35.38
CA ARG G 61 62.52 -22.49 36.42
C ARG G 61 62.63 -23.28 37.72
N GLU G 62 61.51 -23.83 38.17
CA GLU G 62 61.52 -24.67 39.36
C GLU G 62 60.75 -25.97 39.17
N ASP G 63 61.49 -27.07 39.28
CA ASP G 63 60.97 -28.42 39.12
C ASP G 63 60.32 -28.88 40.43
N GLY G 64 59.62 -30.01 40.38
CA GLY G 64 59.03 -30.61 41.57
C GLY G 64 57.94 -29.80 42.26
N ILE G 65 57.25 -28.97 41.50
CA ILE G 65 56.24 -28.08 42.06
C ILE G 65 54.86 -28.73 42.21
N ASN G 66 54.20 -28.45 43.34
CA ASN G 66 52.84 -28.93 43.58
C ASN G 66 51.95 -28.61 42.38
N GLN G 67 51.05 -29.53 42.03
CA GLN G 67 50.23 -29.34 40.83
C GLN G 67 49.12 -28.32 41.08
N GLU G 68 48.64 -28.27 42.31
CA GLU G 68 47.62 -27.29 42.66
C GLU G 68 48.21 -25.88 42.61
N SER G 69 49.51 -25.78 42.83
CA SER G 69 50.20 -24.49 42.85
C SER G 69 50.70 -24.07 41.46
N LEU G 70 51.03 -25.06 40.64
CA LEU G 70 51.38 -24.81 39.24
C LEU G 70 50.21 -24.15 38.54
N SER G 71 49.01 -24.44 39.03
CA SER G 71 47.78 -23.85 38.51
C SER G 71 47.61 -22.39 38.97
N ASP G 72 48.36 -22.03 40.01
CA ASP G 72 48.25 -20.69 40.62
C ASP G 72 49.21 -19.70 39.98
N TYR G 73 50.50 -20.03 40.02
CA TYR G 73 51.53 -19.18 39.44
C TYR G 73 51.22 -18.85 37.98
N LEU G 74 50.61 -19.80 37.28
CA LEU G 74 50.36 -19.63 35.86
C LEU G 74 48.98 -19.04 35.61
N LYS G 75 48.14 -19.06 36.64
CA LYS G 75 46.78 -18.58 36.55
C LYS G 75 45.98 -19.30 35.46
N ILE G 76 46.03 -20.63 35.50
CA ILE G 76 45.25 -21.48 34.63
C ILE G 76 44.46 -22.36 35.58
N ASP G 77 43.16 -22.55 35.31
CA ASP G 77 42.30 -23.23 36.28
C ASP G 77 42.59 -24.72 36.39
N LYS G 78 42.27 -25.28 37.56
CA LYS G 78 42.61 -26.67 37.91
C LYS G 78 42.23 -27.72 36.86
N GLY G 79 41.15 -27.48 36.12
CA GLY G 79 40.71 -28.41 35.10
C GLY G 79 41.66 -28.48 33.92
N THR G 80 42.02 -27.30 33.40
CA THR G 80 42.95 -27.19 32.30
C THR G 80 44.31 -27.77 32.69
N THR G 81 44.68 -27.58 33.95
CA THR G 81 45.97 -28.01 34.47
C THR G 81 46.06 -29.54 34.57
N ALA G 82 44.97 -30.17 35.02
CA ALA G 82 44.91 -31.64 35.07
C ALA G 82 45.18 -32.25 33.70
N ARG G 83 44.51 -31.72 32.69
CA ARG G 83 44.70 -32.17 31.32
C ARG G 83 46.09 -31.87 30.80
N ALA G 84 46.50 -30.61 30.87
CA ALA G 84 47.78 -30.22 30.31
C ALA G 84 48.87 -31.11 30.91
N ILE G 85 48.88 -31.22 32.22
CA ILE G 85 49.84 -32.09 32.90
C ILE G 85 49.70 -33.52 32.41
N GLN G 86 48.49 -34.06 32.51
CA GLN G 86 48.24 -35.43 32.06
C GLN G 86 48.80 -35.74 30.67
N LYS G 87 48.70 -34.79 29.73
CA LYS G 87 49.26 -34.96 28.40
C LYS G 87 50.79 -34.97 28.43
N LEU G 88 51.37 -34.04 29.18
CA LEU G 88 52.82 -34.05 29.36
C LEU G 88 53.29 -35.36 30.03
N VAL G 89 52.41 -35.98 30.81
CA VAL G 89 52.71 -37.28 31.37
C VAL G 89 52.62 -38.31 30.25
N ASP G 90 51.46 -38.35 29.58
CA ASP G 90 51.25 -39.26 28.45
C ASP G 90 52.40 -39.19 27.48
N GLU G 91 52.83 -37.98 27.13
CA GLU G 91 53.85 -37.80 26.11
C GLU G 91 55.25 -38.22 26.57
N GLY G 92 55.41 -38.36 27.89
CA GLY G 92 56.66 -38.79 28.46
C GLY G 92 57.66 -37.69 28.81
N TYR G 93 57.15 -36.51 29.16
CA TYR G 93 58.03 -35.40 29.53
C TYR G 93 57.98 -35.08 31.04
N VAL G 94 56.95 -35.55 31.72
CA VAL G 94 56.78 -35.27 33.14
C VAL G 94 56.19 -36.48 33.85
N PHE G 95 56.37 -36.56 35.17
CA PHE G 95 55.70 -37.60 35.96
C PHE G 95 55.09 -37.05 37.25
N ARG G 96 54.24 -37.86 37.90
CA ARG G 96 53.56 -37.41 39.10
C ARG G 96 53.87 -38.27 40.32
N GLN G 97 54.16 -37.61 41.43
CA GLN G 97 54.40 -38.25 42.71
C GLN G 97 53.53 -37.60 43.78
N ARG G 98 53.42 -38.23 44.94
CA ARG G 98 52.59 -37.72 46.03
C ARG G 98 53.38 -37.48 47.32
N SER G 105 47.01 -34.08 46.76
CA SER G 105 48.13 -33.24 46.34
C SER G 105 49.07 -34.02 45.42
N TYR G 106 49.81 -33.29 44.59
CA TYR G 106 50.79 -33.90 43.68
C TYR G 106 51.97 -32.99 43.35
N ARG G 107 53.12 -33.59 43.11
CA ARG G 107 54.28 -32.85 42.67
C ARG G 107 54.72 -33.34 41.28
N VAL G 108 54.74 -32.44 40.31
CA VAL G 108 55.09 -32.78 38.94
C VAL G 108 56.59 -32.65 38.68
N PHE G 109 57.18 -33.63 38.01
CA PHE G 109 58.61 -33.63 37.74
C PHE G 109 58.93 -33.79 36.27
N LEU G 110 60.02 -33.18 35.83
CA LEU G 110 60.56 -33.40 34.51
C LEU G 110 61.20 -34.78 34.45
N THR G 111 61.00 -35.47 33.34
CA THR G 111 61.69 -36.72 33.09
C THR G 111 62.99 -36.40 32.38
N GLU G 112 63.82 -37.42 32.16
CA GLU G 112 65.07 -37.23 31.45
C GLU G 112 64.76 -36.57 30.11
N LYS G 113 63.86 -37.17 29.35
CA LYS G 113 63.45 -36.61 28.08
C LYS G 113 63.01 -35.18 28.28
N GLY G 114 62.11 -34.98 29.25
CA GLY G 114 61.56 -33.67 29.55
C GLY G 114 62.62 -32.62 29.82
N LYS G 115 63.72 -33.02 30.44
CA LYS G 115 64.80 -32.09 30.75
C LYS G 115 65.72 -31.91 29.56
N LYS G 116 65.68 -32.87 28.63
CA LYS G 116 66.51 -32.84 27.44
C LYS G 116 65.83 -32.07 26.32
N LEU G 117 64.78 -31.35 26.69
CA LEU G 117 64.03 -30.62 25.69
C LEU G 117 64.06 -29.14 26.05
N GLU G 118 64.74 -28.80 27.13
CA GLU G 118 64.84 -27.41 27.55
C GLU G 118 65.56 -26.51 26.53
N PRO G 119 66.68 -26.98 25.97
CA PRO G 119 67.43 -26.13 25.05
C PRO G 119 66.65 -25.80 23.79
N ASP G 120 65.64 -26.62 23.48
CA ASP G 120 64.78 -26.39 22.33
C ASP G 120 63.53 -25.54 22.66
N MSE G 121 63.04 -25.67 23.88
CA MSE G 121 61.95 -24.81 24.32
C MSE G 121 62.50 -23.42 24.60
O MSE G 121 61.86 -22.42 24.25
CB MSE G 121 61.28 -25.37 25.58
CG MSE G 121 60.81 -26.81 25.47
SE MSE G 121 59.49 -27.17 24.07
CE MSE G 121 60.66 -27.45 22.53
N LYS G 122 63.67 -23.37 25.22
CA LYS G 122 64.33 -22.09 25.43
C LYS G 122 64.63 -21.45 24.09
N LYS G 123 65.05 -22.26 23.13
CA LYS G 123 65.36 -21.77 21.78
C LYS G 123 64.11 -21.32 21.04
N ILE G 124 63.06 -22.13 21.08
CA ILE G 124 61.79 -21.76 20.46
C ILE G 124 61.21 -20.50 21.10
N ALA G 125 61.14 -20.51 22.42
CA ALA G 125 60.76 -19.30 23.16
C ALA G 125 61.51 -18.06 22.65
N SER G 126 62.79 -18.21 22.33
CA SER G 126 63.63 -17.08 21.93
C SER G 126 63.34 -16.60 20.51
N GLU G 127 63.13 -17.55 19.59
CA GLU G 127 62.86 -17.23 18.20
C GLU G 127 61.61 -16.33 18.07
N TRP G 128 60.66 -16.53 18.96
CA TRP G 128 59.46 -15.69 19.01
C TRP G 128 59.81 -14.29 19.52
N GLY G 129 60.72 -14.23 20.48
CA GLY G 129 61.17 -12.97 21.03
C GLY G 129 61.76 -12.11 19.93
N GLU G 130 62.79 -12.64 19.28
CA GLU G 130 63.45 -11.90 18.21
C GLU G 130 62.43 -11.34 17.21
N ILE G 131 61.45 -12.17 16.86
CA ILE G 131 60.44 -11.74 15.91
C ILE G 131 59.74 -10.49 16.39
N LEU G 132 59.27 -10.51 17.64
CA LEU G 132 58.51 -9.39 18.16
C LEU G 132 59.35 -8.13 18.20
N PHE G 133 60.66 -8.32 18.36
CA PHE G 133 61.63 -7.23 18.42
C PHE G 133 62.22 -6.81 17.07
N SER G 134 61.72 -7.39 15.98
CA SER G 134 62.39 -7.32 14.67
C SER G 134 62.60 -5.92 14.08
N SER G 135 62.43 -4.88 14.90
CA SER G 135 62.57 -3.52 14.40
C SER G 135 63.15 -2.55 15.41
N PHE G 136 63.66 -3.07 16.52
CA PHE G 136 64.22 -2.21 17.56
C PHE G 136 65.73 -2.32 17.63
N ASP G 137 66.38 -1.19 17.96
CA ASP G 137 67.77 -1.24 18.42
C ASP G 137 67.76 -1.75 19.86
N ASP G 138 68.88 -1.63 20.56
CA ASP G 138 68.94 -2.15 21.92
C ASP G 138 68.22 -1.24 22.91
N ARG G 139 68.32 0.07 22.68
CA ARG G 139 67.61 1.07 23.48
C ARG G 139 66.11 0.74 23.64
N GLN G 140 65.41 0.57 22.53
CA GLN G 140 63.98 0.27 22.54
C GLN G 140 63.68 -1.10 23.15
N ARG G 141 64.50 -2.10 22.84
CA ARG G 141 64.29 -3.45 23.37
C ARG G 141 64.38 -3.45 24.88
N ARG G 142 65.51 -2.96 25.39
CA ARG G 142 65.72 -2.88 26.82
C ARG G 142 64.53 -2.17 27.46
N GLU G 143 64.25 -0.97 26.96
CA GLU G 143 63.19 -0.13 27.49
C GLU G 143 61.85 -0.87 27.62
N ILE G 144 61.26 -1.20 26.47
CA ILE G 144 59.97 -1.89 26.42
C ILE G 144 59.96 -3.12 27.33
N THR G 145 61.13 -3.72 27.52
CA THR G 145 61.28 -4.90 28.35
C THR G 145 61.04 -4.61 29.84
N ASN G 146 61.42 -3.41 30.28
CA ASN G 146 61.32 -3.05 31.68
C ASN G 146 59.89 -2.67 32.08
N SER G 147 59.14 -2.15 31.11
CA SER G 147 57.76 -1.75 31.33
C SER G 147 56.87 -2.98 31.44
N LEU G 148 57.02 -3.88 30.46
CA LEU G 148 56.33 -5.17 30.51
C LEU G 148 56.56 -5.83 31.87
N GLU G 149 57.76 -5.65 32.39
CA GLU G 149 58.12 -6.10 33.73
C GLU G 149 57.23 -5.40 34.74
N ILE G 150 57.16 -4.08 34.61
CA ILE G 150 56.35 -3.26 35.52
C ILE G 150 54.87 -3.65 35.49
N MSE G 151 54.31 -3.76 34.28
CA MSE G 151 52.91 -4.10 34.16
C MSE G 151 52.60 -5.49 34.72
O MSE G 151 51.55 -5.70 35.32
CB MSE G 151 52.46 -3.95 32.72
CG MSE G 151 52.59 -2.53 32.22
SE MSE G 151 52.75 -2.46 30.31
CE MSE G 151 51.14 -3.46 29.87
N PHE G 152 53.51 -6.43 34.54
CA PHE G 152 53.40 -7.72 35.20
C PHE G 152 53.24 -7.55 36.71
N GLU G 153 54.10 -6.73 37.31
CA GLU G 153 54.01 -6.42 38.73
C GLU G 153 52.68 -5.75 39.04
N ASN G 154 52.34 -4.74 38.25
CA ASN G 154 51.07 -4.03 38.39
C ASN G 154 49.87 -4.96 38.34
N GLY G 155 49.86 -5.86 37.35
CA GLY G 155 48.75 -6.76 37.13
C GLY G 155 48.69 -7.93 38.09
N LEU G 156 49.83 -8.24 38.71
CA LEU G 156 49.94 -9.36 39.65
C LEU G 156 49.34 -9.05 41.02
N LYS G 157 49.66 -7.88 41.54
CA LYS G 157 49.24 -7.50 42.89
C LYS G 157 47.73 -7.31 42.99
N ILE G 158 47.10 -6.86 41.92
CA ILE G 158 45.68 -6.50 41.96
C ILE G 158 44.73 -7.69 41.87
N MSE G 159 45.29 -8.91 41.86
CA MSE G 159 44.47 -10.12 41.82
C MSE G 159 43.74 -10.36 43.14
O MSE G 159 42.57 -10.00 43.30
CB MSE G 159 45.32 -11.34 41.46
CG MSE G 159 45.86 -11.30 40.04
SE MSE G 159 44.45 -10.92 38.75
CE MSE G 159 44.78 -12.39 37.53
N LYS H 21 63.94 -12.29 26.13
CA LYS H 21 63.32 -12.91 24.96
C LYS H 21 62.65 -14.23 25.34
N GLU H 22 63.24 -14.93 26.31
CA GLU H 22 62.54 -16.02 26.99
C GLU H 22 61.42 -15.38 27.79
N PHE H 23 61.50 -14.07 27.94
CA PHE H 23 60.67 -13.34 28.89
C PHE H 23 59.57 -12.50 28.22
N ILE H 24 59.83 -12.04 27.00
CA ILE H 24 58.85 -11.28 26.24
C ILE H 24 57.53 -12.06 26.14
N GLY H 25 57.64 -13.37 25.95
CA GLY H 25 56.50 -14.26 25.85
C GLY H 25 55.86 -14.61 27.19
N LYS H 26 56.67 -14.81 28.22
CA LYS H 26 56.12 -15.08 29.55
C LYS H 26 55.36 -13.84 29.99
N ALA H 27 55.90 -12.68 29.65
CA ALA H 27 55.25 -11.41 30.01
C ALA H 27 53.88 -11.26 29.37
N ILE H 28 53.78 -11.53 28.06
CA ILE H 28 52.49 -11.47 27.38
C ILE H 28 51.53 -12.51 27.96
N SER H 29 51.95 -13.77 27.99
CA SER H 29 51.16 -14.86 28.52
C SER H 29 50.51 -14.51 29.85
N TYR H 30 51.33 -14.11 30.81
CA TYR H 30 50.84 -13.83 32.15
C TYR H 30 49.85 -12.67 32.15
N LEU H 31 50.24 -11.54 31.56
CA LEU H 31 49.37 -10.37 31.54
C LEU H 31 48.07 -10.69 30.82
N TYR H 32 48.15 -11.48 29.76
CA TYR H 32 46.96 -11.88 29.05
C TYR H 32 45.98 -12.57 30.00
N ARG H 33 46.48 -13.58 30.70
CA ARG H 33 45.61 -14.35 31.58
C ARG H 33 45.09 -13.50 32.73
N TYR H 34 45.91 -12.57 33.23
CA TYR H 34 45.49 -11.66 34.30
C TYR H 34 44.31 -10.84 33.83
N GLY H 35 44.46 -10.28 32.64
CA GLY H 35 43.38 -9.55 32.01
C GLY H 35 42.12 -10.41 31.95
N GLN H 36 42.25 -11.62 31.43
CA GLN H 36 41.08 -12.48 31.25
C GLN H 36 40.38 -12.78 32.57
N ILE H 37 41.13 -12.84 33.66
CA ILE H 37 40.53 -13.03 34.96
C ILE H 37 39.88 -11.75 35.44
N TYR H 38 40.65 -10.66 35.41
CA TYR H 38 40.18 -9.35 35.86
C TYR H 38 39.01 -8.90 35.02
N ILE H 39 39.17 -9.01 33.72
CA ILE H 39 38.12 -8.69 32.76
C ILE H 39 36.87 -9.54 33.02
N GLY H 40 37.08 -10.83 33.25
CA GLY H 40 35.98 -11.76 33.38
C GLY H 40 35.17 -11.51 34.62
N LYS H 41 35.83 -11.01 35.67
CA LYS H 41 35.15 -10.67 36.90
C LYS H 41 34.18 -9.52 36.67
N LYS H 42 34.64 -8.49 35.98
CA LYS H 42 33.83 -7.29 35.72
C LYS H 42 32.66 -7.48 34.75
N ILE H 43 32.74 -8.44 33.85
CA ILE H 43 31.67 -8.61 32.88
C ILE H 43 30.72 -9.73 33.28
N GLU H 44 30.94 -10.31 34.45
CA GLU H 44 30.05 -11.38 34.92
C GLU H 44 28.64 -10.89 35.20
N PRO H 45 28.51 -9.70 35.80
CA PRO H 45 27.18 -9.19 36.07
C PRO H 45 26.38 -9.02 34.76
N TYR H 46 27.08 -8.77 33.66
CA TYR H 46 26.40 -8.59 32.39
C TYR H 46 26.08 -9.93 31.75
N GLY H 47 26.56 -11.00 32.37
CA GLY H 47 26.25 -12.35 31.92
C GLY H 47 27.05 -12.82 30.72
N ILE H 48 28.30 -12.37 30.64
CA ILE H 48 29.19 -12.67 29.52
C ILE H 48 30.50 -13.30 30.01
N GLY H 49 31.00 -14.28 29.26
CA GLY H 49 32.29 -14.89 29.56
C GLY H 49 33.44 -14.12 28.93
N SER H 50 34.58 -14.07 29.61
CA SER H 50 35.76 -13.37 29.08
C SER H 50 36.20 -13.93 27.72
N GLY H 51 35.82 -15.18 27.43
CA GLY H 51 36.07 -15.78 26.13
C GLY H 51 35.28 -15.14 25.00
N GLN H 52 34.14 -14.53 25.33
CA GLN H 52 33.32 -13.88 24.32
C GLN H 52 33.67 -12.41 24.18
N PHE H 53 34.34 -11.86 25.18
CA PHE H 53 34.73 -10.45 25.21
C PHE H 53 35.43 -9.92 23.94
N PRO H 54 36.57 -10.52 23.54
CA PRO H 54 37.32 -10.00 22.38
C PRO H 54 36.51 -9.93 21.08
N PHE H 55 35.52 -10.81 20.91
CA PHE H 55 34.62 -10.74 19.76
C PHE H 55 33.69 -9.55 19.91
N LEU H 56 33.17 -9.36 21.12
CA LEU H 56 32.31 -8.24 21.39
C LEU H 56 33.08 -6.98 21.05
N MSE H 57 34.20 -6.77 21.71
CA MSE H 57 35.06 -5.62 21.43
C MSE H 57 35.33 -5.46 19.93
O MSE H 57 35.38 -4.34 19.42
CB MSE H 57 36.37 -5.74 22.20
CG MSE H 57 36.21 -5.61 23.72
SE MSE H 57 35.36 -3.93 24.28
CE MSE H 57 36.56 -2.67 23.37
N ARG H 58 35.52 -6.54 19.20
CA ARG H 58 35.79 -6.39 17.79
C ARG H 58 34.58 -5.88 17.05
N LEU H 59 33.38 -6.23 17.52
CA LEU H 59 32.16 -5.82 16.83
C LEU H 59 31.93 -4.33 16.95
N TYR H 60 32.58 -3.70 17.92
CA TYR H 60 32.42 -2.26 18.15
C TYR H 60 33.27 -1.45 17.18
N ARG H 61 34.37 -2.03 16.70
CA ARG H 61 35.17 -1.39 15.67
C ARG H 61 34.41 -1.37 14.34
N GLU H 62 33.56 -2.37 14.15
CA GLU H 62 32.66 -2.44 13.00
C GLU H 62 31.83 -3.73 12.98
N ASP H 63 30.51 -3.58 13.00
CA ASP H 63 29.66 -4.75 12.94
C ASP H 63 29.18 -5.03 11.53
N GLY H 64 28.51 -6.15 11.35
CA GLY H 64 28.18 -6.64 10.02
C GLY H 64 29.28 -7.51 9.44
N ILE H 65 30.25 -7.87 10.27
CA ILE H 65 31.37 -8.65 9.79
C ILE H 65 31.02 -10.14 9.71
N ASN H 66 31.49 -10.82 8.65
CA ASN H 66 31.27 -12.26 8.49
C ASN H 66 31.91 -13.01 9.65
N GLN H 67 31.30 -14.10 10.08
CA GLN H 67 31.85 -14.87 11.18
C GLN H 67 33.25 -15.35 10.80
N GLU H 68 33.41 -15.69 9.52
CA GLU H 68 34.67 -16.18 8.99
C GLU H 68 35.74 -15.11 9.14
N SER H 69 35.42 -13.89 8.70
CA SER H 69 36.33 -12.76 8.87
C SER H 69 36.66 -12.55 10.35
N LEU H 70 35.73 -12.86 11.24
CA LEU H 70 35.97 -12.72 12.67
C LEU H 70 37.03 -13.71 13.16
N SER H 71 36.88 -14.98 12.77
CA SER H 71 37.89 -15.98 13.08
C SER H 71 39.26 -15.46 12.70
N ASP H 72 39.37 -15.01 11.45
CA ASP H 72 40.65 -14.62 10.88
C ASP H 72 41.30 -13.46 11.61
N TYR H 73 40.53 -12.41 11.86
CA TYR H 73 41.04 -11.25 12.58
C TYR H 73 41.57 -11.62 13.96
N LEU H 74 40.83 -12.44 14.69
CA LEU H 74 41.17 -12.71 16.08
C LEU H 74 42.09 -13.92 16.19
N LYS H 75 42.20 -14.66 15.09
CA LYS H 75 42.99 -15.88 15.01
C LYS H 75 42.48 -17.00 15.92
N ILE H 76 41.16 -17.16 15.94
CA ILE H 76 40.52 -18.25 16.66
C ILE H 76 39.84 -19.16 15.65
N ASP H 77 39.91 -20.47 15.88
CA ASP H 77 39.33 -21.42 14.93
C ASP H 77 37.82 -21.22 14.74
N LYS H 78 37.33 -21.52 13.55
CA LYS H 78 35.91 -21.37 13.25
C LYS H 78 35.05 -21.88 14.39
N GLY H 79 35.38 -23.07 14.89
CA GLY H 79 34.58 -23.72 15.91
C GLY H 79 34.40 -22.91 17.18
N THR H 80 35.52 -22.57 17.84
CA THR H 80 35.46 -21.72 19.02
C THR H 80 34.79 -20.38 18.72
N THR H 81 35.09 -19.82 17.55
CA THR H 81 34.48 -18.58 17.10
C THR H 81 32.97 -18.74 17.06
N ALA H 82 32.51 -19.76 16.35
CA ALA H 82 31.09 -20.05 16.21
C ALA H 82 30.39 -20.25 17.56
N ARG H 83 31.05 -20.93 18.49
CA ARG H 83 30.49 -21.15 19.81
C ARG H 83 30.42 -19.86 20.64
N ALA H 84 31.46 -19.04 20.56
CA ALA H 84 31.47 -17.77 21.27
C ALA H 84 30.35 -16.89 20.72
N ILE H 85 30.25 -16.82 19.40
CA ILE H 85 29.16 -16.08 18.77
C ILE H 85 27.82 -16.60 19.28
N GLN H 86 27.67 -17.93 19.32
CA GLN H 86 26.40 -18.53 19.75
C GLN H 86 26.03 -18.08 21.15
N LYS H 87 27.02 -17.95 22.03
CA LYS H 87 26.78 -17.46 23.38
C LYS H 87 26.22 -16.04 23.41
N LEU H 88 26.86 -15.15 22.64
CA LEU H 88 26.40 -13.78 22.52
C LEU H 88 24.97 -13.66 21.95
N VAL H 89 24.59 -14.53 21.01
CA VAL H 89 23.22 -14.51 20.52
C VAL H 89 22.31 -14.97 21.65
N ASP H 90 22.73 -16.03 22.33
CA ASP H 90 21.96 -16.57 23.46
C ASP H 90 21.71 -15.55 24.58
N GLU H 91 22.67 -14.66 24.80
CA GLU H 91 22.53 -13.67 25.86
C GLU H 91 22.09 -12.29 25.32
N GLY H 92 21.62 -12.25 24.07
CA GLY H 92 20.96 -11.06 23.53
C GLY H 92 21.81 -9.90 23.02
N TYR H 93 23.12 -10.10 22.87
CA TYR H 93 24.01 -9.01 22.46
C TYR H 93 24.28 -8.93 20.95
N VAL H 94 24.11 -10.03 20.25
CA VAL H 94 24.36 -10.07 18.81
C VAL H 94 23.34 -10.92 18.06
N PHE H 95 23.22 -10.65 16.78
CA PHE H 95 22.37 -11.45 15.92
C PHE H 95 23.06 -11.71 14.57
N ARG H 96 22.64 -12.79 13.93
CA ARG H 96 23.19 -13.20 12.67
C ARG H 96 22.21 -12.95 11.54
N GLN H 97 22.77 -12.66 10.36
CA GLN H 97 22.03 -12.58 9.11
C GLN H 97 22.87 -13.34 8.09
N ARG H 98 22.24 -13.99 7.13
CA ARG H 98 23.02 -14.49 6.00
C ARG H 98 23.35 -13.29 5.12
N ASP H 99 24.58 -13.20 4.62
CA ASP H 99 24.85 -12.20 3.59
C ASP H 99 24.42 -12.72 2.22
N GLU H 100 24.14 -11.80 1.31
CA GLU H 100 23.72 -12.15 -0.03
C GLU H 100 24.90 -12.72 -0.83
N LYS H 101 26.10 -12.42 -0.36
CA LYS H 101 27.30 -12.93 -1.01
C LYS H 101 27.33 -14.45 -0.94
N ASP H 102 27.74 -14.95 0.23
CA ASP H 102 27.90 -16.38 0.44
C ASP H 102 26.81 -16.87 1.40
N ARG H 103 25.84 -17.64 0.91
CA ARG H 103 24.73 -18.04 1.78
C ARG H 103 25.12 -19.08 2.84
N ARG H 104 26.42 -19.36 2.93
CA ARG H 104 26.96 -20.22 3.99
C ARG H 104 27.64 -19.38 5.07
N SER H 105 28.05 -18.15 4.71
CA SER H 105 28.66 -17.27 5.69
C SER H 105 27.61 -16.44 6.42
N TYR H 106 27.84 -16.20 7.71
CA TYR H 106 26.90 -15.42 8.51
C TYR H 106 27.49 -14.09 8.94
N ARG H 107 26.69 -13.03 8.84
CA ARG H 107 27.11 -11.72 9.34
C ARG H 107 26.67 -11.51 10.78
N VAL H 108 27.61 -11.09 11.61
CA VAL H 108 27.29 -10.76 13.00
C VAL H 108 27.05 -9.25 13.21
N PHE H 109 25.89 -8.91 13.74
CA PHE H 109 25.56 -7.54 14.09
C PHE H 109 25.28 -7.40 15.59
N LEU H 110 25.59 -6.24 16.15
CA LEU H 110 25.17 -5.93 17.52
C LEU H 110 23.65 -5.73 17.65
N THR H 111 23.04 -6.29 18.69
CA THR H 111 21.66 -5.94 19.02
C THR H 111 21.65 -4.54 19.63
N GLU H 112 20.47 -3.98 19.83
CA GLU H 112 20.44 -2.69 20.51
C GLU H 112 20.95 -2.84 21.94
N LYS H 113 20.66 -3.99 22.54
CA LYS H 113 21.18 -4.30 23.87
C LYS H 113 22.72 -4.31 23.87
N GLY H 114 23.32 -4.84 22.81
CA GLY H 114 24.76 -4.85 22.70
C GLY H 114 25.31 -3.45 22.51
N LYS H 115 24.63 -2.66 21.68
CA LYS H 115 25.03 -1.28 21.46
C LYS H 115 25.08 -0.57 22.80
N LYS H 116 24.01 -0.73 23.57
CA LYS H 116 23.81 0.00 24.82
C LYS H 116 24.88 -0.36 25.84
N LEU H 117 25.48 -1.52 25.69
CA LEU H 117 26.50 -1.98 26.63
C LEU H 117 27.91 -1.54 26.27
N GLU H 118 28.04 -0.88 25.12
CA GLU H 118 29.33 -0.46 24.63
C GLU H 118 30.13 0.34 25.65
N PRO H 119 29.57 1.46 26.14
CA PRO H 119 30.33 2.22 27.13
C PRO H 119 30.80 1.37 28.32
N ASP H 120 29.90 0.65 28.97
CA ASP H 120 30.27 -0.16 30.13
C ASP H 120 31.41 -1.10 29.81
N MSE H 121 31.41 -1.63 28.60
CA MSE H 121 32.47 -2.51 28.14
C MSE H 121 33.76 -1.74 28.02
O MSE H 121 34.79 -2.13 28.57
CB MSE H 121 32.12 -3.14 26.78
CG MSE H 121 31.00 -4.17 26.84
SE MSE H 121 31.37 -5.59 28.14
CE MSE H 121 30.27 -4.96 29.62
N LYS H 122 33.71 -0.62 27.30
CA LYS H 122 34.89 0.21 27.07
C LYS H 122 35.50 0.72 28.35
N LYS H 123 34.67 1.05 29.34
CA LYS H 123 35.18 1.56 30.61
C LYS H 123 35.87 0.44 31.40
N ILE H 124 35.52 -0.80 31.09
CA ILE H 124 36.07 -1.95 31.80
C ILE H 124 37.43 -2.37 31.24
N ALA H 125 37.61 -2.14 29.95
CA ALA H 125 38.90 -2.38 29.32
C ALA H 125 39.85 -1.21 29.56
N SER H 126 39.32 -0.13 30.10
CA SER H 126 40.14 1.00 30.53
C SER H 126 40.69 0.74 31.93
N GLU H 127 39.80 0.38 32.85
CA GLU H 127 40.17 0.12 34.23
C GLU H 127 41.31 -0.88 34.34
N TRP H 128 41.39 -1.78 33.36
CA TRP H 128 42.49 -2.72 33.28
C TRP H 128 43.72 -2.08 32.64
N GLY H 129 43.50 -1.23 31.64
CA GLY H 129 44.57 -0.43 31.09
C GLY H 129 45.20 0.47 32.14
N GLU H 130 44.37 1.09 32.96
CA GLU H 130 44.86 1.98 34.03
C GLU H 130 45.60 1.17 35.08
N ILE H 131 45.12 -0.04 35.37
CA ILE H 131 45.77 -0.90 36.35
C ILE H 131 47.17 -1.33 35.90
N LEU H 132 47.34 -1.61 34.61
CA LEU H 132 48.65 -1.95 34.06
C LEU H 132 49.56 -0.72 34.02
N PHE H 133 48.95 0.45 33.87
CA PHE H 133 49.67 1.71 33.79
C PHE H 133 49.69 2.39 35.15
N SER H 134 49.36 1.62 36.19
CA SER H 134 49.18 2.14 37.54
C SER H 134 50.53 2.35 38.22
N SER H 135 51.46 2.95 37.50
CA SER H 135 52.81 3.12 38.02
C SER H 135 53.51 4.31 37.38
N PHE H 136 53.04 4.74 36.22
CA PHE H 136 53.73 5.81 35.51
C PHE H 136 52.81 6.81 34.82
N ASP H 137 53.44 7.79 34.17
CA ASP H 137 52.72 8.90 33.56
C ASP H 137 52.77 8.87 32.03
N ASP H 138 52.63 10.05 31.43
CA ASP H 138 52.20 10.14 30.03
C ASP H 138 53.25 10.00 28.93
N ARG H 139 54.51 10.35 29.22
CA ARG H 139 55.54 10.27 28.17
C ARG H 139 55.95 8.84 27.90
N GLN H 140 55.80 7.99 28.91
CA GLN H 140 56.16 6.58 28.81
C GLN H 140 54.97 5.75 28.34
N ARG H 141 53.79 6.05 28.86
CA ARG H 141 52.57 5.42 28.39
C ARG H 141 52.51 5.58 26.87
N ARG H 142 52.80 6.78 26.40
CA ARG H 142 52.72 7.09 24.98
C ARG H 142 53.63 6.21 24.13
N GLU H 143 54.84 5.91 24.62
CA GLU H 143 55.79 5.10 23.83
C GLU H 143 55.60 3.58 23.97
N ILE H 144 55.25 3.12 25.17
CA ILE H 144 54.87 1.74 25.38
C ILE H 144 53.80 1.35 24.37
N THR H 145 52.73 2.12 24.36
CA THR H 145 51.64 1.97 23.41
C THR H 145 52.19 1.91 21.99
N ASN H 146 53.19 2.73 21.72
CA ASN H 146 53.78 2.76 20.38
C ASN H 146 54.57 1.50 20.03
N SER H 147 55.38 0.97 20.94
CA SER H 147 56.17 -0.22 20.62
C SER H 147 55.34 -1.52 20.61
N LEU H 148 54.35 -1.61 21.49
CA LEU H 148 53.44 -2.76 21.46
C LEU H 148 52.73 -2.76 20.13
N GLU H 149 52.53 -1.56 19.62
CA GLU H 149 51.97 -1.38 18.28
C GLU H 149 52.82 -2.07 17.21
N ILE H 150 54.14 -1.88 17.27
CA ILE H 150 55.02 -2.37 16.21
C ILE H 150 55.29 -3.87 16.37
N MSE H 151 55.22 -4.35 17.59
CA MSE H 151 55.33 -5.78 17.85
C MSE H 151 54.12 -6.51 17.29
O MSE H 151 54.24 -7.55 16.63
CB MSE H 151 55.47 -6.05 19.35
CG MSE H 151 56.78 -5.54 19.92
SE MSE H 151 56.98 -6.07 21.77
CE MSE H 151 56.19 -4.51 22.62
N PHE H 152 52.94 -5.96 17.56
CA PHE H 152 51.68 -6.41 16.99
C PHE H 152 51.85 -6.65 15.48
N GLU H 153 52.26 -5.59 14.76
CA GLU H 153 52.55 -5.70 13.34
C GLU H 153 53.51 -6.85 13.08
N ASN H 154 54.63 -6.84 13.80
CA ASN H 154 55.68 -7.86 13.64
C ASN H 154 55.15 -9.28 13.75
N GLY H 155 54.22 -9.47 14.69
CA GLY H 155 53.63 -10.77 14.92
C GLY H 155 52.52 -11.13 13.95
N LEU H 156 52.00 -10.13 13.25
CA LEU H 156 50.95 -10.36 12.27
C LEU H 156 51.54 -10.61 10.88
N LYS H 157 52.60 -9.88 10.54
CA LYS H 157 53.24 -10.04 9.25
C LYS H 157 53.91 -11.41 9.18
N ILE H 158 53.99 -12.10 10.32
CA ILE H 158 54.57 -13.44 10.39
C ILE H 158 53.51 -14.54 10.38
N MSE H 159 52.35 -14.25 10.96
CA MSE H 159 51.22 -15.18 10.93
C MSE H 159 49.93 -14.52 11.38
O MSE H 159 48.84 -14.97 11.06
CB MSE H 159 51.52 -16.43 11.77
CG MSE H 159 51.93 -16.17 13.22
SE MSE H 159 50.56 -15.28 14.27
CE MSE H 159 49.02 -16.36 13.77
S SO4 I . -27.48 -13.17 -8.88
O1 SO4 I . -28.89 -12.92 -8.60
O2 SO4 I . -27.25 -14.61 -8.84
O3 SO4 I . -27.14 -12.64 -10.20
O4 SO4 I . -26.69 -12.51 -7.84
S SO4 J . -40.54 -17.61 -4.86
O1 SO4 J . -41.65 -18.45 -4.41
O2 SO4 J . -40.08 -18.10 -6.15
O3 SO4 J . -41.00 -16.22 -5.00
O4 SO4 J . -39.45 -17.67 -3.89
S SO4 K . -7.63 -5.82 -4.72
O1 SO4 K . -7.88 -6.72 -3.61
O2 SO4 K . -6.84 -6.53 -5.75
O3 SO4 K . -8.88 -5.37 -5.31
O4 SO4 K . -6.87 -4.67 -4.24
S SO4 L . -38.42 -9.62 3.39
O1 SO4 L . -39.77 -10.05 3.74
O2 SO4 L . -37.94 -10.36 2.22
O3 SO4 L . -38.42 -8.18 3.10
O4 SO4 L . -37.51 -9.89 4.50
S SO4 M . -29.46 17.68 -32.21
O1 SO4 M . -30.06 16.92 -31.10
O2 SO4 M . -29.75 16.97 -33.46
O3 SO4 M . -30.04 19.01 -32.24
O4 SO4 M . -28.01 17.80 -32.01
S SO4 N . -44.75 35.98 -32.03
O1 SO4 N . -43.50 35.35 -31.62
O2 SO4 N . -45.12 35.48 -33.35
O3 SO4 N . -45.80 35.65 -31.07
O4 SO4 N . -44.55 37.42 -32.08
S SO4 O . -41.78 9.99 -24.32
O1 SO4 O . -42.04 10.03 -22.88
O2 SO4 O . -41.72 8.61 -24.74
O3 SO4 O . -42.86 10.67 -25.03
O4 SO4 O . -40.51 10.65 -24.63
S SO4 P . -58.13 10.89 -58.87
O1 SO4 P . -59.14 9.98 -58.33
O2 SO4 P . -58.40 11.11 -60.29
O3 SO4 P . -58.22 12.16 -58.15
O4 SO4 P . -56.80 10.32 -58.70
S SO4 Q . 33.13 8.09 10.03
O1 SO4 Q . 34.40 7.35 9.92
O2 SO4 Q . 32.69 8.54 8.72
O3 SO4 Q . 32.11 7.19 10.56
O4 SO4 Q . 33.29 9.22 10.94
S SO4 R . 25.53 -3.16 4.76
O1 SO4 R . 25.69 -3.62 6.14
O2 SO4 R . 25.19 -4.28 3.88
O3 SO4 R . 24.45 -2.18 4.66
O4 SO4 R . 26.79 -2.55 4.35
S SO4 S . 18.18 -14.16 7.48
O1 SO4 S . 17.64 -14.25 8.83
O2 SO4 S . 19.54 -14.66 7.45
O3 SO4 S . 17.32 -14.91 6.55
O4 SO4 S . 18.24 -12.77 7.04
S SO4 T . 42.89 -19.38 25.42
O1 SO4 T . 42.74 -20.67 26.09
O2 SO4 T . 44.31 -19.07 25.29
O3 SO4 T . 42.30 -19.46 24.09
O4 SO4 T . 42.23 -18.35 26.24
S SO4 U . 42.77 -33.45 23.58
O1 SO4 U . 42.65 -34.58 24.48
O2 SO4 U . 42.51 -33.91 22.21
O3 SO4 U . 41.80 -32.41 23.95
O4 SO4 U . 44.11 -32.89 23.71
S SO4 V . 47.35 -28.57 24.75
O1 SO4 V . 45.97 -29.02 24.99
O2 SO4 V . 48.16 -29.70 24.30
O3 SO4 V . 47.37 -27.53 23.72
O4 SO4 V . 47.88 -28.04 26.00
#